data_7KQ9
#
_entry.id   7KQ9
#
_cell.length_a   182.622
_cell.length_b   59.920
_cell.length_c   67.416
_cell.angle_alpha   90.000
_cell.angle_beta   94.870
_cell.angle_gamma   90.000
#
_symmetry.space_group_name_H-M   'C 1 2 1'
#
loop_
_entity.id
_entity.type
_entity.pdbx_description
1 polymer 'Tryptophan synthase alpha chain'
2 polymer 'Tryptophan synthase beta chain'
3 non-polymer 'CHLORIDE ION'
4 non-polymer 'CESIUM ION'
5 non-polymer 1,2-ETHANEDIOL
6 non-polymer DI(HYDROXYETHYL)ETHER
7 non-polymer 'DIMETHYL SULFOXIDE'
8 non-polymer '2-{[(E)-{3-hydroxy-2-methyl-5-[(phosphonooxy)methyl]pyridin-4-yl}methylidene]amino}prop-2-enoic acid'
9 non-polymer SERINE
10 non-polymer 'BROMIDE ION'
11 water water
#
loop_
_entity_poly.entity_id
_entity_poly.type
_entity_poly.pdbx_seq_one_letter_code
_entity_poly.pdbx_strand_id
1 'polypeptide(L)'
;MERYENLFAQLNDRREGAFVPFVTLGDPGIEQSLKIIDTLIDAGADALELGVPFSDPLADGPTIQNANLRAFAAGVTPAQ
CFEMLALIREKHPTIPIGLLMYANLVFNNGIDAFYARCEQVGVDSVLVADVPVEESAPFRQAALRHNIAPIFICPPNADD
DLLRQVASYGRGYTYLLSRSGVTGAENRGALPLHHLIEKLKEYHAAPALQGFGISSPEQVSAAVRAGAAGAISGSAIVKI
IEKNLASPKQMLAELRSFVSAMKAASRA
;
A
2 'polypeptide(L)'
;MTTLLNPYFGEFGGMYVPQILMPALNQLEEAFVSAQKDPEFQAQFADLLKNYAGRPTALTKCQNITAGTRTTLYLKREDL
LHGGAHKTNQVLGQALLAKRMGKSEIIAETGAGAHGVASALASALLGLKCRIYMGAKDVERQSPNVFRMRLMGAEVIPVH
SGSATLKDACNEALRDWSGSYETAHYMLGTAAGPHPYPTIVREFQRMIGEETKAQILDKEGRLPDAVIACVGGGSNAIGM
FADFINDTSVGLIGVEPGGHGIETGEHGAPLKHGRVGIYFGMKAPMMQTADGQIEESYSISAGLDFPSVGPQHAYLNSIG
RADYVSITDDEALEAFKTLCRHEGIIPALESSHALAHALKMMREQPEKEQLLVVNLSGRGDKDIFTVHDILKARGEI
;
B
#
loop_
_chem_comp.id
_chem_comp.type
_chem_comp.name
_chem_comp.formula
0JO non-polymer '2-{[(E)-{3-hydroxy-2-methyl-5-[(phosphonooxy)methyl]pyridin-4-yl}methylidene]amino}prop-2-enoic acid' 'C11 H13 N2 O7 P'
BR non-polymer 'BROMIDE ION' 'Br -1'
CL non-polymer 'CHLORIDE ION' 'Cl -1'
CS non-polymer 'CESIUM ION' 'Cs 1'
DMS non-polymer 'DIMETHYL SULFOXIDE' 'C2 H6 O S'
EDO non-polymer 1,2-ETHANEDIOL 'C2 H6 O2'
PEG non-polymer DI(HYDROXYETHYL)ETHER 'C4 H10 O3'
#
# COMPACT_ATOMS: atom_id res chain seq x y z
N MET A 1 12.24 -31.37 6.45
CA MET A 1 11.39 -32.53 6.84
C MET A 1 10.27 -32.72 5.80
N GLU A 2 9.46 -33.78 5.99
CA GLU A 2 8.38 -34.10 5.08
C GLU A 2 7.05 -34.14 5.83
N ARG A 3 6.79 -33.14 6.70
CA ARG A 3 5.63 -33.27 7.56
C ARG A 3 4.35 -33.31 6.75
N TYR A 4 4.23 -32.47 5.73
CA TYR A 4 3.01 -32.45 4.95
C TYR A 4 2.86 -33.75 4.15
N GLU A 5 3.98 -34.22 3.57
CA GLU A 5 3.87 -35.41 2.73
C GLU A 5 3.47 -36.60 3.60
N ASN A 6 4.02 -36.64 4.81
CA ASN A 6 3.71 -37.74 5.73
C ASN A 6 2.25 -37.63 6.17
N LEU A 7 1.80 -36.42 6.45
CA LEU A 7 0.40 -36.22 6.82
C LEU A 7 -0.51 -36.70 5.70
N PHE A 8 -0.25 -36.24 4.46
CA PHE A 8 -1.19 -36.56 3.41
C PHE A 8 -1.20 -38.06 3.14
N ALA A 9 -0.03 -38.70 3.32
CA ALA A 9 0.04 -40.13 3.11
C ALA A 9 -0.79 -40.87 4.16
N GLN A 10 -0.72 -40.44 5.43
CA GLN A 10 -1.52 -41.02 6.50
C GLN A 10 -3.01 -40.81 6.24
N LEU A 11 -3.38 -39.63 5.75
CA LEU A 11 -4.77 -39.31 5.52
C LEU A 11 -5.30 -40.06 4.29
N ASN A 12 -4.45 -40.23 3.28
CA ASN A 12 -4.79 -41.01 2.09
C ASN A 12 -4.99 -42.45 2.48
N ASP A 13 -4.20 -42.92 3.46
CA ASP A 13 -4.28 -44.30 3.90
C ASP A 13 -5.50 -44.52 4.80
N ARG A 14 -6.07 -43.43 5.32
CA ARG A 14 -7.26 -43.50 6.16
C ARG A 14 -8.48 -42.89 5.45
N ARG A 15 -8.34 -42.61 4.15
CA ARG A 15 -9.43 -42.11 3.31
C ARG A 15 -10.02 -40.85 3.95
N GLU A 16 -9.15 -39.90 4.28
CA GLU A 16 -9.52 -38.89 5.26
C GLU A 16 -9.14 -37.53 4.69
N GLY A 17 -9.93 -36.51 5.03
CA GLY A 17 -9.57 -35.15 4.69
C GLY A 17 -8.72 -34.52 5.78
N ALA A 18 -7.89 -33.55 5.41
CA ALA A 18 -7.18 -32.74 6.40
C ALA A 18 -8.13 -31.64 6.91
N PHE A 19 -8.08 -31.34 8.21
CA PHE A 19 -8.66 -30.10 8.70
C PHE A 19 -7.57 -29.24 9.35
N VAL A 20 -7.46 -27.98 8.90
CA VAL A 20 -6.36 -27.10 9.30
C VAL A 20 -6.93 -25.79 9.83
N PRO A 21 -6.80 -25.47 11.13
CA PRO A 21 -7.25 -24.17 11.63
C PRO A 21 -6.19 -23.09 11.56
N PHE A 22 -6.64 -21.83 11.38
CA PHE A 22 -5.76 -20.67 11.45
C PHE A 22 -5.97 -19.96 12.79
N VAL A 23 -4.86 -19.54 13.41
CA VAL A 23 -4.92 -18.63 14.54
C VAL A 23 -3.77 -17.60 14.42
N THR A 24 -3.96 -16.42 14.99
CA THR A 24 -2.89 -15.44 15.08
C THR A 24 -2.05 -15.73 16.33
N LEU A 25 -0.72 -15.84 16.18
CA LEU A 25 0.18 -16.08 17.30
C LEU A 25 0.13 -14.92 18.28
N GLY A 26 -0.01 -15.27 19.56
CA GLY A 26 -0.06 -14.32 20.65
C GLY A 26 -1.43 -13.67 20.82
N ASP A 27 -2.45 -14.16 20.13
CA ASP A 27 -3.81 -13.65 20.32
C ASP A 27 -4.53 -14.57 21.28
N PRO A 28 -5.06 -14.14 22.46
CA PRO A 28 -5.01 -12.74 22.94
C PRO A 28 -3.82 -12.39 23.82
N GLY A 29 -2.94 -13.36 24.03
CA GLY A 29 -1.64 -13.14 24.64
C GLY A 29 -0.83 -14.42 24.50
N ILE A 30 0.46 -14.37 24.88
CA ILE A 30 1.37 -15.45 24.57
C ILE A 30 0.94 -16.76 25.25
N GLU A 31 0.66 -16.71 26.55
CA GLU A 31 0.38 -17.94 27.27
C GLU A 31 -0.98 -18.50 26.83
N GLN A 32 -1.97 -17.62 26.68
CA GLN A 32 -3.29 -18.05 26.27
C GLN A 32 -3.22 -18.61 24.85
N SER A 33 -2.37 -18.00 24.02
CA SER A 33 -2.15 -18.44 22.66
C SER A 33 -1.58 -19.87 22.63
N LEU A 34 -0.57 -20.12 23.48
CA LEU A 34 0.05 -21.43 23.54
C LEU A 34 -0.99 -22.46 24.00
N LYS A 35 -1.88 -22.08 24.93
CA LYS A 35 -2.90 -23.02 25.38
C LYS A 35 -3.96 -23.23 24.31
N ILE A 36 -4.35 -22.15 23.63
CA ILE A 36 -5.28 -22.26 22.51
C ILE A 36 -4.73 -23.27 21.51
N ILE A 37 -3.45 -23.10 21.15
CA ILE A 37 -2.88 -23.92 20.08
C ILE A 37 -2.84 -25.38 20.53
N ASP A 38 -2.51 -25.62 21.79
CA ASP A 38 -2.47 -26.98 22.32
C ASP A 38 -3.86 -27.60 22.28
N THR A 39 -4.90 -26.78 22.47
CA THR A 39 -6.27 -27.29 22.46
C THR A 39 -6.68 -27.67 21.05
N LEU A 40 -6.24 -26.90 20.06
CA LEU A 40 -6.57 -27.17 18.67
C LEU A 40 -6.00 -28.52 18.26
N ILE A 41 -4.74 -28.76 18.66
CA ILE A 41 -4.04 -29.98 18.34
C ILE A 41 -4.73 -31.16 19.02
N ASP A 42 -5.02 -31.01 20.32
CA ASP A 42 -5.59 -32.09 21.12
C ASP A 42 -6.97 -32.45 20.57
N ALA A 43 -7.63 -31.49 19.92
CA ALA A 43 -8.99 -31.69 19.44
C ALA A 43 -9.00 -32.25 18.01
N GLY A 44 -7.83 -32.33 17.36
CA GLY A 44 -7.71 -33.15 16.16
C GLY A 44 -7.29 -32.38 14.91
N ALA A 45 -6.80 -31.15 15.08
CA ALA A 45 -6.23 -30.40 13.97
C ALA A 45 -5.14 -31.22 13.29
N ASP A 46 -5.19 -31.31 11.95
CA ASP A 46 -4.18 -32.08 11.24
C ASP A 46 -2.89 -31.30 11.05
N ALA A 47 -3.03 -29.97 10.96
CA ALA A 47 -1.93 -29.05 10.74
C ALA A 47 -2.35 -27.71 11.31
N LEU A 48 -1.40 -26.76 11.37
CA LEU A 48 -1.73 -25.44 11.87
C LEU A 48 -1.31 -24.41 10.83
N GLU A 49 -2.10 -23.35 10.72
CA GLU A 49 -1.65 -22.16 10.04
C GLU A 49 -1.61 -21.03 11.07
N LEU A 50 -0.47 -20.34 11.15
CA LEU A 50 -0.22 -19.43 12.25
C LEU A 50 0.22 -18.07 11.71
N GLY A 51 -0.50 -17.04 12.13
CA GLY A 51 -0.21 -15.69 11.67
C GLY A 51 0.75 -14.98 12.62
N VAL A 52 1.71 -14.25 12.05
CA VAL A 52 2.55 -13.37 12.86
C VAL A 52 1.98 -11.95 12.80
N PRO A 53 1.66 -11.30 13.95
CA PRO A 53 1.05 -9.96 13.90
C PRO A 53 1.90 -8.95 13.14
N PHE A 54 1.21 -8.22 12.26
CA PHE A 54 1.80 -7.25 11.37
C PHE A 54 0.97 -5.97 11.43
N SER A 55 1.64 -4.83 11.29
CA SER A 55 1.05 -3.52 11.54
C SER A 55 -0.07 -3.24 10.54
N ASP A 56 0.05 -3.81 9.33
CA ASP A 56 -0.81 -3.44 8.21
C ASP A 56 -1.20 -4.68 7.39
N PRO A 57 -2.09 -5.57 7.93
CA PRO A 57 -2.45 -6.81 7.25
C PRO A 57 -3.50 -6.58 6.17
N LEU A 58 -3.04 -6.11 5.00
CA LEU A 58 -3.91 -5.60 3.96
C LEU A 58 -4.73 -6.71 3.28
N ALA A 59 -4.43 -7.98 3.57
CA ALA A 59 -5.13 -9.09 2.94
C ALA A 59 -6.11 -9.75 3.91
N ASP A 60 -6.28 -9.16 5.10
CA ASP A 60 -7.12 -9.72 6.13
C ASP A 60 -8.42 -8.93 6.28
N GLY A 61 -9.51 -9.65 6.58
CA GLY A 61 -10.78 -9.05 6.93
C GLY A 61 -10.82 -8.65 8.40
N PRO A 62 -11.98 -8.15 8.90
CA PRO A 62 -12.06 -7.55 10.24
C PRO A 62 -11.73 -8.50 11.38
N THR A 63 -12.16 -9.76 11.23
CA THR A 63 -11.92 -10.77 12.25
C THR A 63 -10.43 -10.80 12.57
N ILE A 64 -9.59 -10.84 11.53
CA ILE A 64 -8.18 -11.11 11.79
C ILE A 64 -7.44 -9.82 12.07
N GLN A 65 -7.96 -8.70 11.53
CA GLN A 65 -7.45 -7.38 11.88
C GLN A 65 -7.44 -7.21 13.40
N ASN A 66 -8.54 -7.58 14.05
CA ASN A 66 -8.66 -7.38 15.48
C ASN A 66 -7.84 -8.41 16.24
N ALA A 67 -7.69 -9.59 15.64
CA ALA A 67 -6.80 -10.57 16.25
C ALA A 67 -5.40 -9.96 16.35
N ASN A 68 -4.93 -9.30 15.28
CA ASN A 68 -3.62 -8.68 15.31
C ASN A 68 -3.56 -7.57 16.36
N LEU A 69 -4.66 -6.81 16.48
CA LEU A 69 -4.68 -5.72 17.44
C LEU A 69 -4.61 -6.29 18.85
N ARG A 70 -5.33 -7.38 19.11
CA ARG A 70 -5.25 -7.99 20.43
C ARG A 70 -3.81 -8.39 20.72
N ALA A 71 -3.13 -8.99 19.73
CA ALA A 71 -1.75 -9.44 19.91
C ALA A 71 -0.80 -8.29 20.18
N PHE A 72 -0.92 -7.21 19.40
CA PHE A 72 -0.05 -6.04 19.56
C PHE A 72 -0.32 -5.41 20.93
N ALA A 73 -1.59 -5.40 21.32
CA ALA A 73 -1.97 -4.90 22.64
C ALA A 73 -1.36 -5.75 23.76
N ALA A 74 -0.93 -6.98 23.44
CA ALA A 74 -0.25 -7.80 24.44
C ALA A 74 1.26 -7.73 24.25
N GLY A 75 1.75 -6.85 23.37
CA GLY A 75 3.17 -6.65 23.17
C GLY A 75 3.86 -7.65 22.23
N VAL A 76 3.09 -8.42 21.47
CA VAL A 76 3.66 -9.53 20.70
C VAL A 76 4.53 -9.03 19.54
N THR A 77 5.75 -9.56 19.42
CA THR A 77 6.68 -9.23 18.35
C THR A 77 7.00 -10.46 17.52
N PRO A 78 7.51 -10.32 16.27
CA PRO A 78 7.93 -11.49 15.51
C PRO A 78 8.93 -12.38 16.26
N ALA A 79 9.86 -11.76 17.00
CA ALA A 79 10.81 -12.55 17.74
C ALA A 79 10.09 -13.40 18.80
N GLN A 80 9.09 -12.82 19.47
CA GLN A 80 8.37 -13.62 20.45
C GLN A 80 7.59 -14.74 19.77
N CYS A 81 7.10 -14.47 18.54
CA CYS A 81 6.38 -15.50 17.77
C CYS A 81 7.29 -16.68 17.46
N PHE A 82 8.57 -16.39 17.15
CA PHE A 82 9.51 -17.45 16.83
C PHE A 82 9.88 -18.25 18.08
N GLU A 83 9.84 -17.61 19.25
CA GLU A 83 10.05 -18.37 20.49
C GLU A 83 8.88 -19.33 20.68
N MET A 84 7.67 -18.83 20.41
CA MET A 84 6.50 -19.67 20.58
C MET A 84 6.59 -20.85 19.62
N LEU A 85 7.03 -20.59 18.39
CA LEU A 85 7.04 -21.64 17.41
C LEU A 85 7.98 -22.76 17.84
N ALA A 86 9.13 -22.41 18.41
CA ALA A 86 10.06 -23.44 18.85
C ALA A 86 9.44 -24.27 19.97
N LEU A 87 8.69 -23.62 20.87
CA LEU A 87 8.06 -24.34 21.98
C LEU A 87 6.96 -25.26 21.46
N ILE A 88 6.19 -24.80 20.48
CA ILE A 88 5.11 -25.59 19.92
C ILE A 88 5.68 -26.85 19.28
N ARG A 89 6.74 -26.68 18.48
CA ARG A 89 7.32 -27.82 17.77
C ARG A 89 7.99 -28.79 18.76
N GLU A 90 8.59 -28.24 19.81
CA GLU A 90 9.24 -29.06 20.84
C GLU A 90 8.20 -29.98 21.49
N LYS A 91 6.94 -29.55 21.51
CA LYS A 91 5.86 -30.30 22.13
C LYS A 91 5.21 -31.27 21.15
N HIS A 92 5.21 -30.92 19.86
CA HIS A 92 4.39 -31.58 18.87
C HIS A 92 5.28 -31.84 17.67
N PRO A 93 5.98 -32.99 17.62
CA PRO A 93 7.00 -33.17 16.59
C PRO A 93 6.52 -33.40 15.16
N THR A 94 5.29 -33.87 14.96
CA THR A 94 4.91 -34.31 13.62
C THR A 94 3.93 -33.35 12.96
N ILE A 95 3.19 -32.55 13.75
CA ILE A 95 2.14 -31.76 13.13
C ILE A 95 2.74 -30.72 12.20
N PRO A 96 2.27 -30.60 10.93
CA PRO A 96 2.77 -29.54 10.07
C PRO A 96 2.36 -28.16 10.58
N ILE A 97 3.34 -27.25 10.57
CA ILE A 97 3.11 -25.89 11.01
C ILE A 97 3.41 -24.96 9.83
N GLY A 98 2.39 -24.22 9.41
CA GLY A 98 2.57 -23.24 8.34
C GLY A 98 2.39 -21.84 8.91
N LEU A 99 3.19 -20.90 8.40
CA LEU A 99 2.99 -19.50 8.77
C LEU A 99 2.30 -18.76 7.66
N LEU A 100 1.46 -17.82 8.08
CA LEU A 100 0.88 -16.85 7.18
C LEU A 100 1.59 -15.53 7.47
N MET A 101 2.38 -15.07 6.50
CA MET A 101 3.24 -13.90 6.69
C MET A 101 2.83 -12.77 5.75
N TYR A 102 3.21 -11.55 6.14
CA TYR A 102 3.28 -10.42 5.24
C TYR A 102 4.70 -10.20 4.76
N ALA A 103 4.82 -9.77 3.50
CA ALA A 103 6.12 -9.71 2.85
C ALA A 103 7.14 -8.89 3.64
N ASN A 104 6.73 -7.77 4.24
CA ASN A 104 7.77 -6.95 4.86
C ASN A 104 8.44 -7.71 6.02
N LEU A 105 7.72 -8.58 6.73
CA LEU A 105 8.30 -9.27 7.88
C LEU A 105 9.30 -10.34 7.42
N VAL A 106 9.10 -10.82 6.18
CA VAL A 106 9.98 -11.82 5.62
C VAL A 106 11.22 -11.10 5.05
N PHE A 107 10.99 -9.95 4.41
CA PHE A 107 12.07 -9.25 3.73
C PHE A 107 12.93 -8.47 4.72
N ASN A 108 12.38 -8.07 5.87
CA ASN A 108 12.94 -7.10 6.82
C ASN A 108 14.42 -7.33 7.07
N ASN A 109 14.76 -8.53 7.54
CA ASN A 109 16.15 -8.64 7.94
C ASN A 109 16.86 -9.59 6.98
N GLY A 110 16.31 -9.73 5.76
CA GLY A 110 16.90 -10.61 4.77
C GLY A 110 16.01 -11.82 4.56
N ILE A 111 15.65 -12.06 3.30
CA ILE A 111 14.75 -13.18 3.01
C ILE A 111 15.36 -14.54 3.42
N ASP A 112 16.62 -14.79 3.03
N ASP A 112 16.64 -14.78 3.06
CA ASP A 112 17.28 -16.04 3.41
CA ASP A 112 17.28 -16.04 3.39
C ASP A 112 17.23 -16.22 4.92
C ASP A 112 17.32 -16.24 4.92
N ALA A 113 17.62 -15.18 5.67
CA ALA A 113 17.69 -15.31 7.12
C ALA A 113 16.33 -15.66 7.72
N PHE A 114 15.24 -15.10 7.14
CA PHE A 114 13.90 -15.43 7.61
C PHE A 114 13.64 -16.93 7.45
N TYR A 115 13.88 -17.45 6.26
CA TYR A 115 13.56 -18.87 6.07
C TYR A 115 14.55 -19.74 6.85
N ALA A 116 15.77 -19.28 7.10
CA ALA A 116 16.67 -20.03 7.97
C ALA A 116 16.11 -20.13 9.39
N ARG A 117 15.53 -19.06 9.92
CA ARG A 117 14.97 -19.09 11.27
C ARG A 117 13.75 -20.04 11.28
N CYS A 118 12.94 -19.98 10.21
CA CYS A 118 11.82 -20.90 10.09
C CYS A 118 12.29 -22.34 10.20
N GLU A 119 13.35 -22.66 9.46
CA GLU A 119 13.89 -24.02 9.48
C GLU A 119 14.39 -24.39 10.87
N GLN A 120 15.08 -23.46 11.54
N GLN A 120 15.11 -23.47 11.51
CA GLN A 120 15.67 -23.73 12.84
CA GLN A 120 15.65 -23.69 12.84
C GLN A 120 14.61 -23.99 13.93
C GLN A 120 14.57 -24.07 13.85
N VAL A 121 13.44 -23.36 13.82
CA VAL A 121 12.38 -23.57 14.81
C VAL A 121 11.47 -24.72 14.40
N GLY A 122 11.58 -25.22 13.15
CA GLY A 122 10.77 -26.37 12.77
C GLY A 122 9.45 -26.06 12.07
N VAL A 123 9.29 -24.86 11.52
CA VAL A 123 8.18 -24.54 10.62
C VAL A 123 8.30 -25.39 9.35
N ASP A 124 7.14 -25.69 8.75
CA ASP A 124 7.08 -26.50 7.54
C ASP A 124 6.76 -25.71 6.27
N SER A 125 5.95 -24.64 6.39
CA SER A 125 5.59 -23.88 5.20
C SER A 125 5.42 -22.41 5.54
N VAL A 126 5.47 -21.57 4.50
CA VAL A 126 5.21 -20.14 4.59
C VAL A 126 4.35 -19.71 3.43
N LEU A 127 3.23 -19.07 3.75
CA LEU A 127 2.39 -18.40 2.77
C LEU A 127 2.61 -16.88 2.98
N VAL A 128 3.12 -16.22 1.95
CA VAL A 128 3.30 -14.78 2.05
C VAL A 128 2.10 -14.13 1.35
N ALA A 129 1.23 -13.51 2.13
CA ALA A 129 -0.09 -13.11 1.64
C ALA A 129 -0.04 -12.09 0.51
N ASP A 130 1.01 -11.23 0.45
CA ASP A 130 1.05 -10.15 -0.52
C ASP A 130 2.21 -10.33 -1.51
N VAL A 131 2.60 -11.60 -1.71
CA VAL A 131 3.54 -11.96 -2.76
C VAL A 131 2.83 -12.86 -3.76
N PRO A 132 2.42 -12.33 -4.93
CA PRO A 132 1.83 -13.19 -5.97
C PRO A 132 2.92 -14.02 -6.63
N VAL A 133 2.52 -15.08 -7.39
CA VAL A 133 3.52 -15.94 -8.04
C VAL A 133 4.51 -15.11 -8.86
N GLU A 134 4.01 -14.08 -9.52
CA GLU A 134 4.83 -13.23 -10.35
C GLU A 134 6.02 -12.60 -9.61
N GLU A 135 5.86 -12.33 -8.31
CA GLU A 135 6.95 -11.73 -7.54
C GLU A 135 7.64 -12.74 -6.63
N SER A 136 7.33 -14.04 -6.78
CA SER A 136 7.65 -14.99 -5.72
C SER A 136 9.07 -15.57 -5.79
N ALA A 137 9.80 -15.38 -6.88
CA ALA A 137 11.04 -16.14 -7.04
C ALA A 137 11.96 -16.09 -5.83
N PRO A 138 12.39 -14.93 -5.26
CA PRO A 138 13.32 -15.03 -4.15
C PRO A 138 12.76 -15.68 -2.89
N PHE A 139 11.43 -15.59 -2.73
CA PHE A 139 10.81 -16.22 -1.57
C PHE A 139 10.78 -17.74 -1.74
N ARG A 140 10.39 -18.20 -2.92
N ARG A 140 10.39 -18.19 -2.93
CA ARG A 140 10.27 -19.65 -3.06
CA ARG A 140 10.29 -19.62 -3.19
C ARG A 140 11.66 -20.29 -3.12
C ARG A 140 11.68 -20.25 -3.07
N GLN A 141 12.66 -19.57 -3.67
CA GLN A 141 14.03 -20.09 -3.69
C GLN A 141 14.56 -20.22 -2.27
N ALA A 142 14.43 -19.15 -1.47
CA ALA A 142 14.86 -19.21 -0.09
C ALA A 142 14.11 -20.28 0.70
N ALA A 143 12.79 -20.39 0.50
CA ALA A 143 12.00 -21.40 1.19
C ALA A 143 12.60 -22.78 0.90
N LEU A 144 12.81 -23.09 -0.39
CA LEU A 144 13.23 -24.45 -0.76
C LEU A 144 14.64 -24.72 -0.27
N ARG A 145 15.51 -23.68 -0.26
CA ARG A 145 16.86 -23.91 0.26
C ARG A 145 16.87 -24.29 1.74
N HIS A 146 15.80 -23.92 2.46
CA HIS A 146 15.75 -24.16 3.90
C HIS A 146 14.68 -25.20 4.23
N ASN A 147 14.26 -25.99 3.24
CA ASN A 147 13.36 -27.12 3.49
C ASN A 147 12.01 -26.63 4.00
N ILE A 148 11.59 -25.44 3.56
CA ILE A 148 10.29 -24.86 3.83
C ILE A 148 9.46 -24.90 2.56
N ALA A 149 8.21 -25.36 2.66
CA ALA A 149 7.33 -25.37 1.51
C ALA A 149 6.81 -23.95 1.27
N PRO A 150 6.96 -23.39 0.06
CA PRO A 150 6.26 -22.14 -0.24
C PRO A 150 4.83 -22.45 -0.67
N ILE A 151 3.86 -21.82 -0.01
CA ILE A 151 2.43 -22.04 -0.22
C ILE A 151 1.91 -20.88 -1.09
N PHE A 152 1.15 -21.25 -2.12
CA PHE A 152 0.52 -20.28 -3.00
C PHE A 152 -0.99 -20.39 -2.95
N ILE A 153 -1.63 -19.23 -3.11
CA ILE A 153 -3.07 -19.15 -3.26
C ILE A 153 -3.48 -19.34 -4.72
N CYS A 154 -4.41 -20.27 -4.95
CA CYS A 154 -5.06 -20.40 -6.23
C CYS A 154 -6.43 -19.74 -6.11
N PRO A 155 -6.62 -18.52 -6.65
CA PRO A 155 -7.85 -17.77 -6.36
C PRO A 155 -8.97 -18.22 -7.29
N PRO A 156 -10.23 -17.78 -7.05
CA PRO A 156 -11.34 -18.19 -7.90
C PRO A 156 -11.32 -17.56 -9.29
N ASN A 157 -10.54 -16.49 -9.48
CA ASN A 157 -10.33 -15.88 -10.79
C ASN A 157 -9.09 -16.45 -11.50
N ALA A 158 -8.61 -17.65 -11.10
CA ALA A 158 -7.39 -18.22 -11.67
C ALA A 158 -7.62 -18.67 -13.11
N ASP A 159 -6.59 -18.48 -13.95
CA ASP A 159 -6.54 -18.98 -15.33
C ASP A 159 -5.54 -20.12 -15.45
N ASP A 160 -5.38 -20.66 -16.66
CA ASP A 160 -4.59 -21.87 -16.88
C ASP A 160 -3.09 -21.62 -16.62
N ASP A 161 -2.58 -20.47 -17.08
CA ASP A 161 -1.19 -20.11 -16.85
C ASP A 161 -0.90 -20.06 -15.35
N LEU A 162 -1.84 -19.47 -14.59
CA LEU A 162 -1.69 -19.38 -13.16
C LEU A 162 -1.70 -20.76 -12.53
N LEU A 163 -2.60 -21.64 -13.00
CA LEU A 163 -2.72 -22.99 -12.48
C LEU A 163 -1.41 -23.77 -12.64
N ARG A 164 -0.76 -23.60 -13.79
CA ARG A 164 0.51 -24.26 -14.07
C ARG A 164 1.62 -23.73 -13.18
N GLN A 165 1.68 -22.40 -12.97
CA GLN A 165 2.70 -21.82 -12.11
C GLN A 165 2.51 -22.26 -10.66
N VAL A 166 1.27 -22.18 -10.17
CA VAL A 166 1.01 -22.59 -8.79
C VAL A 166 1.39 -24.06 -8.64
N ALA A 167 1.03 -24.87 -9.65
CA ALA A 167 1.31 -26.30 -9.58
C ALA A 167 2.81 -26.54 -9.53
N SER A 168 3.56 -25.81 -10.35
CA SER A 168 5.00 -25.98 -10.45
C SER A 168 5.71 -25.42 -9.21
N TYR A 169 5.24 -24.29 -8.69
CA TYR A 169 6.01 -23.53 -7.69
C TYR A 169 5.72 -23.93 -6.25
N GLY A 170 4.47 -24.31 -5.96
CA GLY A 170 4.08 -24.60 -4.60
C GLY A 170 4.54 -25.97 -4.11
N ARG A 171 4.58 -26.12 -2.78
CA ARG A 171 4.85 -27.40 -2.15
C ARG A 171 3.96 -27.47 -0.91
N GLY A 172 3.85 -28.67 -0.34
CA GLY A 172 3.14 -28.82 0.91
C GLY A 172 1.65 -28.97 0.65
N TYR A 173 0.99 -27.83 0.38
CA TYR A 173 -0.35 -27.85 -0.17
C TYR A 173 -0.59 -26.59 -0.99
N THR A 174 -1.67 -26.62 -1.77
CA THR A 174 -2.13 -25.48 -2.54
C THR A 174 -3.32 -24.89 -1.78
N TYR A 175 -3.26 -23.58 -1.58
CA TYR A 175 -4.31 -22.89 -0.84
C TYR A 175 -5.40 -22.51 -1.82
N LEU A 176 -6.52 -23.23 -1.81
CA LEU A 176 -7.59 -22.98 -2.77
C LEU A 176 -8.46 -21.84 -2.24
N LEU A 177 -8.53 -20.76 -3.03
CA LEU A 177 -9.44 -19.64 -2.88
C LEU A 177 -9.05 -18.77 -1.67
N LEU A 193 -14.63 -25.36 -7.44
CA LEU A 193 -14.97 -25.91 -8.77
C LEU A 193 -14.14 -27.17 -9.00
N HIS A 194 -14.73 -28.09 -9.77
CA HIS A 194 -14.15 -29.36 -10.19
C HIS A 194 -12.96 -29.12 -11.10
N HIS A 195 -13.11 -28.14 -12.01
CA HIS A 195 -12.09 -27.79 -13.00
C HIS A 195 -10.78 -27.48 -12.29
N LEU A 196 -10.84 -26.62 -11.26
CA LEU A 196 -9.64 -26.18 -10.54
C LEU A 196 -8.96 -27.42 -9.97
N ILE A 197 -9.74 -28.25 -9.27
CA ILE A 197 -9.19 -29.33 -8.49
C ILE A 197 -8.51 -30.36 -9.39
N GLU A 198 -9.21 -30.75 -10.48
CA GLU A 198 -8.71 -31.80 -11.36
C GLU A 198 -7.52 -31.28 -12.16
N LYS A 199 -7.57 -29.99 -12.53
CA LYS A 199 -6.50 -29.37 -13.28
C LYS A 199 -5.23 -29.25 -12.42
N LEU A 200 -5.40 -28.89 -11.15
CA LEU A 200 -4.28 -28.89 -10.23
C LEU A 200 -3.64 -30.27 -10.17
N LYS A 201 -4.49 -31.30 -10.11
CA LYS A 201 -4.03 -32.68 -10.06
C LYS A 201 -3.34 -33.04 -11.37
N GLU A 202 -3.91 -32.56 -12.50
CA GLU A 202 -3.34 -32.83 -13.80
C GLU A 202 -1.91 -32.30 -13.85
N TYR A 203 -1.66 -31.16 -13.18
CA TYR A 203 -0.34 -30.55 -13.21
C TYR A 203 0.53 -30.97 -12.02
N HIS A 204 0.12 -32.01 -11.30
CA HIS A 204 0.84 -32.58 -10.16
C HIS A 204 1.17 -31.51 -9.13
N ALA A 205 0.18 -30.70 -8.80
CA ALA A 205 0.29 -29.66 -7.81
C ALA A 205 0.30 -30.30 -6.42
N ALA A 206 0.84 -29.58 -5.43
CA ALA A 206 0.68 -29.95 -4.03
C ALA A 206 -0.80 -30.17 -3.74
N PRO A 207 -1.17 -31.13 -2.84
CA PRO A 207 -2.58 -31.38 -2.54
C PRO A 207 -3.34 -30.10 -2.19
N ALA A 208 -4.57 -29.99 -2.67
CA ALA A 208 -5.34 -28.75 -2.53
C ALA A 208 -6.10 -28.76 -1.21
N LEU A 209 -5.97 -27.67 -0.43
CA LEU A 209 -6.85 -27.46 0.71
C LEU A 209 -7.79 -26.30 0.39
N GLN A 210 -9.09 -26.57 0.48
CA GLN A 210 -10.11 -25.54 0.30
C GLN A 210 -10.09 -24.61 1.51
N GLY A 211 -9.96 -23.30 1.27
CA GLY A 211 -9.84 -22.34 2.36
C GLY A 211 -10.87 -21.21 2.30
N PHE A 212 -11.93 -21.41 1.49
CA PHE A 212 -12.87 -20.34 1.18
C PHE A 212 -14.07 -20.43 2.11
N GLY A 213 -14.09 -19.56 3.13
CA GLY A 213 -15.20 -19.44 4.07
C GLY A 213 -15.59 -20.75 4.73
N ILE A 214 -14.60 -21.54 5.15
CA ILE A 214 -14.84 -22.82 5.79
C ILE A 214 -15.22 -22.58 7.25
N SER A 215 -16.51 -22.86 7.59
CA SER A 215 -17.01 -22.55 8.93
CA SER A 215 -17.05 -22.53 8.91
C SER A 215 -17.94 -23.65 9.46
N SER A 216 -18.41 -24.55 8.58
CA SER A 216 -19.31 -25.60 9.03
C SER A 216 -18.73 -26.99 8.77
N PRO A 217 -19.07 -28.01 9.57
CA PRO A 217 -18.64 -29.38 9.27
C PRO A 217 -18.94 -29.83 7.83
N GLU A 218 -20.10 -29.43 7.30
CA GLU A 218 -20.54 -29.86 6.00
C GLU A 218 -19.66 -29.31 4.88
N GLN A 219 -19.02 -28.15 5.11
CA GLN A 219 -18.17 -27.52 4.11
C GLN A 219 -16.86 -28.30 3.97
N VAL A 220 -16.49 -29.00 5.08
CA VAL A 220 -15.30 -29.83 5.09
C VAL A 220 -15.60 -31.08 4.26
N SER A 221 -16.80 -31.63 4.46
N SER A 221 -16.81 -31.64 4.45
CA SER A 221 -17.24 -32.82 3.75
CA SER A 221 -17.23 -32.84 3.74
C SER A 221 -17.44 -32.52 2.27
C SER A 221 -17.52 -32.54 2.27
N ALA A 222 -17.83 -31.27 1.96
CA ALA A 222 -18.07 -30.86 0.58
C ALA A 222 -16.74 -30.69 -0.15
N ALA A 223 -15.73 -30.20 0.58
CA ALA A 223 -14.42 -29.94 0.02
C ALA A 223 -13.75 -31.25 -0.37
N VAL A 224 -13.85 -32.26 0.53
CA VAL A 224 -13.21 -33.55 0.28
C VAL A 224 -13.93 -34.25 -0.86
N ARG A 225 -15.27 -34.10 -0.90
N ARG A 225 -15.26 -34.09 -0.91
CA ARG A 225 -16.09 -34.72 -1.94
CA ARG A 225 -16.08 -34.71 -1.94
C ARG A 225 -15.75 -34.12 -3.30
C ARG A 225 -15.76 -34.10 -3.30
N ALA A 226 -15.38 -32.82 -3.31
CA ALA A 226 -15.04 -32.09 -4.53
C ALA A 226 -13.69 -32.56 -5.08
N GLY A 227 -12.95 -33.33 -4.28
CA GLY A 227 -11.67 -33.88 -4.69
C GLY A 227 -10.48 -33.18 -4.03
N ALA A 228 -10.76 -32.30 -3.06
CA ALA A 228 -9.68 -31.62 -2.36
C ALA A 228 -9.17 -32.51 -1.24
N ALA A 229 -7.95 -32.23 -0.77
CA ALA A 229 -7.29 -33.05 0.24
C ALA A 229 -7.73 -32.65 1.65
N GLY A 230 -8.57 -31.61 1.74
CA GLY A 230 -9.12 -31.20 3.03
C GLY A 230 -9.44 -29.68 2.98
N ALA A 231 -9.44 -29.07 4.17
CA ALA A 231 -10.02 -27.74 4.30
C ALA A 231 -9.30 -26.94 5.39
N ILE A 232 -9.15 -25.65 5.11
CA ILE A 232 -8.55 -24.73 6.05
C ILE A 232 -9.65 -23.79 6.50
N SER A 233 -9.79 -23.66 7.82
CA SER A 233 -10.77 -22.77 8.40
C SER A 233 -10.04 -21.48 8.76
N GLY A 234 -10.14 -20.51 7.87
CA GLY A 234 -9.30 -19.32 7.87
C GLY A 234 -9.69 -18.25 8.88
N SER A 235 -10.93 -18.25 9.39
CA SER A 235 -11.31 -17.22 10.34
C SER A 235 -12.23 -17.71 11.47
N ALA A 236 -12.87 -18.87 11.29
CA ALA A 236 -13.88 -19.34 12.23
C ALA A 236 -13.31 -19.54 13.64
N ILE A 237 -12.05 -19.97 13.73
CA ILE A 237 -11.41 -20.23 15.01
C ILE A 237 -11.25 -18.90 15.73
N VAL A 238 -10.78 -17.89 15.00
CA VAL A 238 -10.51 -16.58 15.57
C VAL A 238 -11.81 -15.99 16.09
N LYS A 239 -12.92 -16.24 15.37
CA LYS A 239 -14.23 -15.81 15.80
C LYS A 239 -14.53 -16.36 17.20
N ILE A 240 -14.14 -17.63 17.45
CA ILE A 240 -14.47 -18.29 18.70
C ILE A 240 -13.66 -17.68 19.85
N ILE A 241 -12.39 -17.30 19.56
CA ILE A 241 -11.55 -16.60 20.51
C ILE A 241 -12.23 -15.29 20.86
N GLU A 242 -12.63 -14.57 19.81
CA GLU A 242 -13.19 -13.24 19.90
C GLU A 242 -14.36 -13.23 20.89
N LYS A 243 -15.22 -14.25 20.81
CA LYS A 243 -16.52 -14.26 21.47
C LYS A 243 -16.40 -14.66 22.94
N ASN A 244 -15.20 -15.04 23.39
CA ASN A 244 -15.01 -15.68 24.69
C ASN A 244 -13.82 -15.07 25.44
N LEU A 245 -13.48 -13.81 25.16
CA LEU A 245 -12.26 -13.20 25.69
C LEU A 245 -12.30 -13.10 27.22
N ALA A 246 -13.50 -12.95 27.80
CA ALA A 246 -13.62 -12.83 29.25
C ALA A 246 -13.77 -14.20 29.91
N SER A 247 -13.91 -15.27 29.12
CA SER A 247 -14.09 -16.62 29.62
C SER A 247 -12.97 -17.54 29.10
N PRO A 248 -11.73 -17.47 29.66
CA PRO A 248 -10.67 -18.39 29.23
C PRO A 248 -11.11 -19.86 29.18
N LYS A 249 -12.00 -20.26 30.10
CA LYS A 249 -12.45 -21.63 30.20
C LYS A 249 -13.36 -22.00 29.02
N GLN A 250 -14.45 -21.24 28.80
CA GLN A 250 -15.37 -21.51 27.71
C GLN A 250 -14.64 -21.48 26.38
N MET A 251 -13.66 -20.57 26.29
CA MET A 251 -12.92 -20.34 25.06
C MET A 251 -12.32 -21.66 24.58
N LEU A 252 -11.51 -22.27 25.45
CA LEU A 252 -10.85 -23.53 25.14
C LEU A 252 -11.90 -24.62 24.92
N ALA A 253 -13.02 -24.53 25.66
CA ALA A 253 -14.09 -25.52 25.57
C ALA A 253 -14.79 -25.45 24.21
N GLU A 254 -15.17 -24.25 23.76
CA GLU A 254 -15.81 -24.10 22.47
C GLU A 254 -14.83 -24.38 21.34
N LEU A 255 -13.54 -24.11 21.58
CA LEU A 255 -12.52 -24.36 20.56
C LEU A 255 -12.45 -25.86 20.31
N ARG A 256 -12.41 -26.66 21.39
CA ARG A 256 -12.28 -28.09 21.26
C ARG A 256 -13.49 -28.69 20.56
N SER A 257 -14.70 -28.28 20.98
CA SER A 257 -15.94 -28.76 20.37
C SER A 257 -16.01 -28.42 18.88
N PHE A 258 -15.50 -27.26 18.48
CA PHE A 258 -15.56 -26.88 17.08
C PHE A 258 -14.62 -27.77 16.24
N VAL A 259 -13.37 -27.90 16.68
CA VAL A 259 -12.36 -28.60 15.91
C VAL A 259 -12.74 -30.07 15.79
N SER A 260 -13.29 -30.66 16.87
CA SER A 260 -13.71 -32.05 16.82
C SER A 260 -14.75 -32.26 15.73
N ALA A 261 -15.71 -31.34 15.61
CA ALA A 261 -16.82 -31.49 14.67
C ALA A 261 -16.29 -31.36 13.25
N MET A 262 -15.40 -30.40 13.03
CA MET A 262 -14.85 -30.17 11.71
C MET A 262 -14.05 -31.40 11.29
N LYS A 263 -13.30 -31.97 12.25
CA LYS A 263 -12.37 -33.04 11.93
C LYS A 263 -13.15 -34.34 11.69
N ALA A 264 -14.28 -34.50 12.38
CA ALA A 264 -15.12 -35.67 12.20
C ALA A 264 -15.68 -35.68 10.78
N ALA A 265 -15.97 -34.47 10.27
CA ALA A 265 -16.54 -34.27 8.95
C ALA A 265 -15.56 -34.68 7.84
N SER A 266 -14.27 -34.78 8.17
CA SER A 266 -13.24 -35.08 7.19
C SER A 266 -13.00 -36.58 7.06
N ARG A 267 -13.61 -37.38 7.93
CA ARG A 267 -13.46 -38.82 7.85
C ARG A 267 -14.47 -39.36 6.84
N ALA A 268 -15.49 -38.55 6.57
CA ALA A 268 -16.47 -38.78 5.51
C ALA A 268 -17.35 -37.53 5.33
N THR B 2 3.26 -11.71 -15.82
CA THR B 2 3.55 -11.16 -17.19
C THR B 2 2.89 -9.80 -17.27
N THR B 3 3.64 -8.81 -17.78
CA THR B 3 3.07 -7.48 -17.94
C THR B 3 3.53 -6.90 -19.26
N LEU B 4 2.84 -5.84 -19.72
CA LEU B 4 3.22 -5.14 -20.94
C LEU B 4 4.33 -4.14 -20.70
N LEU B 5 4.37 -3.57 -19.49
CA LEU B 5 5.34 -2.55 -19.15
C LEU B 5 6.18 -3.03 -17.97
N ASN B 6 7.36 -2.41 -17.78
CA ASN B 6 8.24 -2.80 -16.69
C ASN B 6 7.65 -2.34 -15.35
N PRO B 7 7.39 -3.24 -14.36
CA PRO B 7 6.80 -2.82 -13.09
C PRO B 7 7.81 -2.22 -12.12
N TYR B 8 9.09 -2.27 -12.48
CA TYR B 8 10.16 -1.80 -11.62
C TYR B 8 10.93 -0.60 -12.18
N PHE B 9 11.43 0.21 -11.24
CA PHE B 9 12.41 1.28 -11.49
C PHE B 9 13.67 0.86 -10.74
N GLY B 10 14.58 0.20 -11.46
CA GLY B 10 15.69 -0.48 -10.81
C GLY B 10 15.13 -1.53 -9.85
N GLU B 11 15.53 -1.50 -8.58
CA GLU B 11 15.13 -2.46 -7.54
C GLU B 11 13.72 -2.14 -7.01
N PHE B 12 13.18 -0.96 -7.30
CA PHE B 12 12.02 -0.45 -6.57
C PHE B 12 10.74 -0.64 -7.39
N GLY B 13 9.62 -0.88 -6.72
CA GLY B 13 8.34 -1.00 -7.44
C GLY B 13 7.73 -2.39 -7.30
N GLY B 14 7.29 -2.94 -8.43
CA GLY B 14 6.69 -4.28 -8.42
C GLY B 14 5.19 -4.26 -8.16
N MET B 15 4.66 -5.48 -7.90
CA MET B 15 3.23 -5.72 -7.75
C MET B 15 3.02 -6.66 -6.57
N TYR B 16 3.26 -6.15 -5.35
CA TYR B 16 3.21 -6.98 -4.14
C TYR B 16 1.80 -6.94 -3.57
N VAL B 17 0.89 -7.59 -4.30
CA VAL B 17 -0.50 -7.69 -3.88
C VAL B 17 -0.85 -9.17 -3.77
N PRO B 18 -1.90 -9.52 -2.99
CA PRO B 18 -2.43 -10.88 -3.05
C PRO B 18 -2.77 -11.28 -4.47
N GLN B 19 -2.65 -12.58 -4.73
CA GLN B 19 -2.87 -13.10 -6.08
C GLN B 19 -4.20 -12.62 -6.65
N ILE B 20 -5.22 -12.49 -5.81
CA ILE B 20 -6.56 -12.24 -6.31
C ILE B 20 -6.65 -10.89 -7.00
N LEU B 21 -5.73 -9.96 -6.66
CA LEU B 21 -5.78 -8.62 -7.23
C LEU B 21 -4.98 -8.52 -8.52
N MET B 22 -4.18 -9.55 -8.84
CA MET B 22 -3.36 -9.40 -10.02
C MET B 22 -4.20 -9.19 -11.28
N PRO B 23 -5.30 -9.93 -11.54
CA PRO B 23 -6.05 -9.63 -12.75
C PRO B 23 -6.52 -8.18 -12.85
N ALA B 24 -6.88 -7.58 -11.71
CA ALA B 24 -7.30 -6.20 -11.74
C ALA B 24 -6.14 -5.30 -12.19
N LEU B 25 -4.94 -5.56 -11.69
CA LEU B 25 -3.79 -4.74 -12.06
C LEU B 25 -3.44 -4.97 -13.52
N ASN B 26 -3.53 -6.22 -14.00
CA ASN B 26 -3.20 -6.49 -15.41
C ASN B 26 -4.21 -5.82 -16.34
N GLN B 27 -5.49 -5.87 -15.97
CA GLN B 27 -6.56 -5.25 -16.74
C GLN B 27 -6.30 -3.75 -16.86
N LEU B 28 -5.94 -3.12 -15.73
CA LEU B 28 -5.72 -1.69 -15.70
C LEU B 28 -4.53 -1.34 -16.57
N GLU B 29 -3.46 -2.16 -16.51
CA GLU B 29 -2.30 -1.88 -17.32
C GLU B 29 -2.67 -1.92 -18.80
N GLU B 30 -3.41 -2.95 -19.21
CA GLU B 30 -3.75 -3.09 -20.63
C GLU B 30 -4.60 -1.91 -21.07
N ALA B 31 -5.56 -1.48 -20.22
CA ALA B 31 -6.45 -0.37 -20.57
C ALA B 31 -5.66 0.94 -20.70
N PHE B 32 -4.73 1.14 -19.78
CA PHE B 32 -3.85 2.30 -19.86
C PHE B 32 -2.99 2.26 -21.13
N VAL B 33 -2.35 1.12 -21.44
CA VAL B 33 -1.52 1.09 -22.65
C VAL B 33 -2.38 1.37 -23.88
N SER B 34 -3.60 0.84 -23.88
CA SER B 34 -4.49 1.07 -25.02
C SER B 34 -4.89 2.55 -25.12
N ALA B 35 -5.19 3.12 -23.96
CA ALA B 35 -5.69 4.49 -23.91
C ALA B 35 -4.59 5.45 -24.36
N GLN B 36 -3.34 5.13 -24.04
CA GLN B 36 -2.23 6.01 -24.36
C GLN B 36 -2.01 6.07 -25.87
N LYS B 37 -2.48 5.04 -26.60
CA LYS B 37 -2.35 5.04 -28.05
C LYS B 37 -3.64 5.51 -28.73
N ASP B 38 -4.65 5.89 -27.95
CA ASP B 38 -5.96 6.20 -28.50
C ASP B 38 -6.16 7.71 -28.63
N PRO B 39 -6.17 8.30 -29.85
CA PRO B 39 -6.27 9.75 -29.95
C PRO B 39 -7.57 10.29 -29.37
N GLU B 40 -8.61 9.45 -29.35
CA GLU B 40 -9.91 9.87 -28.86
C GLU B 40 -9.88 10.00 -27.33
N PHE B 41 -9.19 9.06 -26.68
CA PHE B 41 -9.03 9.13 -25.25
C PHE B 41 -8.23 10.39 -24.92
N GLN B 42 -7.14 10.59 -25.66
CA GLN B 42 -6.27 11.73 -25.33
C GLN B 42 -7.05 13.04 -25.51
N ALA B 43 -7.93 13.10 -26.52
CA ALA B 43 -8.67 14.34 -26.80
C ALA B 43 -9.69 14.59 -25.70
N GLN B 44 -10.37 13.53 -25.25
CA GLN B 44 -11.32 13.66 -24.16
C GLN B 44 -10.60 14.17 -22.90
N PHE B 45 -9.43 13.58 -22.62
CA PHE B 45 -8.67 13.97 -21.42
C PHE B 45 -8.23 15.42 -21.54
N ALA B 46 -7.71 15.80 -22.73
CA ALA B 46 -7.28 17.17 -22.95
C ALA B 46 -8.44 18.17 -22.77
N ASP B 47 -9.64 17.79 -23.25
CA ASP B 47 -10.85 18.61 -23.17
C ASP B 47 -11.19 18.85 -21.70
N LEU B 48 -11.14 17.78 -20.90
CA LEU B 48 -11.49 17.97 -19.50
C LEU B 48 -10.44 18.85 -18.81
N LEU B 49 -9.16 18.58 -19.07
CA LEU B 49 -8.10 19.37 -18.44
C LEU B 49 -8.27 20.85 -18.74
N LYS B 50 -8.54 21.18 -20.02
CA LYS B 50 -8.65 22.58 -20.43
C LYS B 50 -9.94 23.20 -19.90
N ASN B 51 -11.08 22.63 -20.28
CA ASN B 51 -12.35 23.35 -20.17
C ASN B 51 -13.02 23.12 -18.82
N TYR B 52 -12.61 22.06 -18.12
CA TYR B 52 -13.18 21.79 -16.81
C TYR B 52 -12.21 22.17 -15.70
N ALA B 53 -10.94 21.75 -15.83
CA ALA B 53 -9.99 22.00 -14.73
C ALA B 53 -9.26 23.32 -14.89
N GLY B 54 -9.18 23.82 -16.15
CA GLY B 54 -8.59 25.16 -16.34
C GLY B 54 -7.13 25.18 -16.79
N ARG B 55 -6.60 24.08 -17.34
CA ARG B 55 -5.21 24.05 -17.81
C ARG B 55 -5.11 24.84 -19.12
N PRO B 56 -3.94 25.44 -19.45
CA PRO B 56 -2.70 25.39 -18.66
C PRO B 56 -2.77 26.30 -17.43
N THR B 57 -2.03 25.90 -16.39
CA THR B 57 -1.91 26.74 -15.20
C THR B 57 -0.80 27.77 -15.40
N ALA B 58 -0.97 28.90 -14.71
CA ALA B 58 0.02 29.98 -14.81
C ALA B 58 1.40 29.53 -14.32
N LEU B 59 2.43 30.21 -14.85
CA LEU B 59 3.75 30.17 -14.26
C LEU B 59 4.09 31.59 -13.77
N THR B 60 4.12 31.77 -12.45
CA THR B 60 4.21 33.12 -11.89
C THR B 60 5.65 33.44 -11.48
N LYS B 61 6.15 34.58 -11.90
CA LYS B 61 7.46 35.05 -11.48
C LYS B 61 7.31 35.78 -10.15
N CYS B 62 8.10 35.37 -9.17
N CYS B 62 7.96 35.31 -9.10
CA CYS B 62 8.04 35.97 -7.85
CA CYS B 62 7.85 36.09 -7.89
C CYS B 62 9.21 36.91 -7.62
C CYS B 62 9.12 36.89 -7.61
N GLN B 63 8.96 38.18 -7.88
CA GLN B 63 10.02 39.17 -7.80
C GLN B 63 10.29 39.61 -6.36
N ASN B 64 9.25 39.82 -5.54
CA ASN B 64 9.51 40.43 -4.24
C ASN B 64 10.32 39.49 -3.34
N ILE B 65 10.07 38.19 -3.40
CA ILE B 65 10.72 37.35 -2.40
C ILE B 65 12.18 37.11 -2.74
N THR B 66 12.61 37.38 -3.99
CA THR B 66 14.00 37.13 -4.32
C THR B 66 14.80 38.43 -4.42
N ALA B 67 14.19 39.56 -4.07
CA ALA B 67 14.88 40.84 -4.20
C ALA B 67 16.20 40.84 -3.43
N GLY B 68 17.23 41.39 -4.09
CA GLY B 68 18.57 41.53 -3.55
C GLY B 68 19.41 40.26 -3.64
N THR B 69 18.90 39.24 -4.38
CA THR B 69 19.68 38.03 -4.58
C THR B 69 19.76 37.77 -6.08
N ARG B 70 20.55 36.77 -6.48
CA ARG B 70 20.67 36.43 -7.89
C ARG B 70 19.82 35.19 -8.19
N THR B 71 18.80 34.91 -7.37
CA THR B 71 17.81 33.87 -7.67
C THR B 71 16.66 34.51 -8.44
N THR B 72 16.21 33.83 -9.51
CA THR B 72 14.94 34.13 -10.13
C THR B 72 14.04 32.92 -9.86
N LEU B 73 12.85 33.18 -9.29
CA LEU B 73 11.98 32.11 -8.82
C LEU B 73 10.64 32.22 -9.53
N TYR B 74 10.22 31.11 -10.14
CA TYR B 74 8.88 30.99 -10.69
C TYR B 74 8.11 29.93 -9.89
N LEU B 75 6.80 30.16 -9.78
CA LEU B 75 5.91 29.18 -9.17
C LEU B 75 4.98 28.64 -10.26
N LYS B 76 4.97 27.29 -10.40
CA LYS B 76 3.99 26.65 -11.27
C LYS B 76 2.69 26.51 -10.50
N ARG B 77 1.62 27.13 -11.04
CA ARG B 77 0.45 27.46 -10.22
C ARG B 77 -0.59 26.34 -10.26
N GLU B 78 -0.26 25.18 -9.68
CA GLU B 78 -1.26 24.09 -9.62
C GLU B 78 -2.35 24.42 -8.60
N ASP B 79 -2.09 25.39 -7.73
CA ASP B 79 -3.05 25.91 -6.77
C ASP B 79 -4.25 26.53 -7.52
N LEU B 80 -4.11 26.88 -8.81
CA LEU B 80 -5.21 27.50 -9.56
C LEU B 80 -6.05 26.45 -10.32
N LEU B 81 -5.65 25.18 -10.25
CA LEU B 81 -6.43 24.15 -10.93
C LEU B 81 -7.75 23.99 -10.20
N HIS B 82 -8.82 23.61 -10.94
CA HIS B 82 -10.10 23.31 -10.32
C HIS B 82 -9.87 22.28 -9.21
N GLY B 83 -10.41 22.59 -8.02
CA GLY B 83 -10.26 21.79 -6.81
C GLY B 83 -9.15 22.30 -5.90
N GLY B 84 -8.22 23.08 -6.46
CA GLY B 84 -7.19 23.75 -5.65
C GLY B 84 -5.89 22.97 -5.49
N ALA B 85 -5.72 21.85 -6.22
CA ALA B 85 -4.48 21.11 -6.14
C ALA B 85 -4.23 20.34 -7.43
N HIS B 86 -2.98 19.87 -7.59
CA HIS B 86 -2.61 19.15 -8.80
C HIS B 86 -3.36 17.80 -8.87
N LYS B 87 -3.95 17.34 -7.77
CA LYS B 87 -4.58 16.01 -7.74
C LYS B 87 -5.64 15.85 -8.81
N THR B 88 -6.29 16.95 -9.19
CA THR B 88 -7.31 16.91 -10.22
C THR B 88 -6.82 16.34 -11.56
N ASN B 89 -5.57 16.61 -11.96
CA ASN B 89 -5.14 16.18 -13.27
C ASN B 89 -5.34 14.68 -13.44
N GLN B 90 -4.79 13.92 -12.49
CA GLN B 90 -4.69 12.50 -12.78
C GLN B 90 -6.00 11.81 -12.37
N VAL B 91 -6.84 12.44 -11.53
CA VAL B 91 -8.15 11.85 -11.25
C VAL B 91 -8.99 11.88 -12.51
N LEU B 92 -8.87 12.94 -13.31
CA LEU B 92 -9.62 13.00 -14.55
C LEU B 92 -9.22 11.86 -15.49
N GLY B 93 -7.91 11.59 -15.61
CA GLY B 93 -7.41 10.52 -16.46
C GLY B 93 -7.87 9.16 -15.94
N GLN B 94 -7.72 8.92 -14.64
CA GLN B 94 -8.09 7.63 -14.08
C GLN B 94 -9.61 7.42 -14.17
N ALA B 95 -10.42 8.48 -14.09
CA ALA B 95 -11.86 8.34 -14.22
C ALA B 95 -12.22 7.97 -15.64
N LEU B 96 -11.52 8.56 -16.62
CA LEU B 96 -11.73 8.15 -17.99
C LEU B 96 -11.29 6.70 -18.20
N LEU B 97 -10.18 6.26 -17.59
CA LEU B 97 -9.76 4.87 -17.72
C LEU B 97 -10.84 3.95 -17.14
N ALA B 98 -11.38 4.31 -15.98
CA ALA B 98 -12.43 3.48 -15.42
C ALA B 98 -13.56 3.32 -16.43
N LYS B 99 -13.98 4.43 -17.04
CA LYS B 99 -15.05 4.33 -18.02
C LYS B 99 -14.64 3.47 -19.21
N ARG B 100 -13.38 3.56 -19.63
CA ARG B 100 -12.90 2.81 -20.78
C ARG B 100 -13.08 1.31 -20.49
N MET B 101 -12.98 0.95 -19.21
CA MET B 101 -12.95 -0.42 -18.75
C MET B 101 -14.38 -0.88 -18.50
N GLY B 102 -15.33 0.05 -18.64
CA GLY B 102 -16.73 -0.20 -18.37
C GLY B 102 -17.05 -0.30 -16.88
N LYS B 103 -16.25 0.39 -16.04
CA LYS B 103 -16.53 0.38 -14.62
C LYS B 103 -17.47 1.54 -14.29
N SER B 104 -18.33 1.37 -13.29
CA SER B 104 -19.31 2.39 -12.93
C SER B 104 -19.08 2.95 -11.53
N GLU B 105 -18.10 2.42 -10.78
CA GLU B 105 -17.88 2.84 -9.39
C GLU B 105 -16.39 3.20 -9.18
N ILE B 106 -16.13 4.07 -8.21
CA ILE B 106 -14.79 4.54 -7.88
C ILE B 106 -14.54 4.32 -6.39
N ILE B 107 -13.37 3.77 -6.04
CA ILE B 107 -12.84 3.75 -4.69
C ILE B 107 -11.62 4.66 -4.66
N ALA B 108 -11.49 5.47 -3.59
CA ALA B 108 -10.32 6.32 -3.42
C ALA B 108 -9.96 6.39 -1.93
N GLU B 109 -8.68 6.60 -1.66
CA GLU B 109 -8.17 6.88 -0.32
C GLU B 109 -7.82 8.36 -0.28
N THR B 110 -7.86 8.96 0.92
CA THR B 110 -7.36 10.31 1.08
C THR B 110 -6.88 10.53 2.51
N GLY B 111 -5.89 11.40 2.65
CA GLY B 111 -5.42 11.79 3.97
C GLY B 111 -5.83 13.22 4.25
N ALA B 112 -5.28 14.14 3.46
N ALA B 112 -5.35 14.13 3.40
CA ALA B 112 -5.60 15.56 3.57
CA ALA B 112 -5.55 15.57 3.51
C ALA B 112 -7.04 15.79 3.18
C ALA B 112 -6.84 16.02 2.82
N GLY B 113 -7.49 15.09 2.13
CA GLY B 113 -8.81 15.31 1.57
C GLY B 113 -8.77 15.88 0.16
N ALA B 114 -7.60 16.35 -0.31
CA ALA B 114 -7.51 16.92 -1.66
C ALA B 114 -7.77 15.87 -2.73
N HIS B 115 -7.14 14.71 -2.58
CA HIS B 115 -7.39 13.66 -3.57
C HIS B 115 -8.85 13.18 -3.47
N GLY B 116 -9.37 13.06 -2.25
CA GLY B 116 -10.76 12.66 -2.06
C GLY B 116 -11.74 13.62 -2.74
N VAL B 117 -11.52 14.93 -2.57
CA VAL B 117 -12.36 15.95 -3.18
C VAL B 117 -12.20 15.87 -4.70
N ALA B 118 -10.96 15.72 -5.20
CA ALA B 118 -10.75 15.59 -6.63
C ALA B 118 -11.49 14.34 -7.15
N SER B 119 -11.43 13.22 -6.42
CA SER B 119 -12.08 11.98 -6.84
C SER B 119 -13.60 12.19 -6.87
N ALA B 120 -14.12 12.85 -5.82
CA ALA B 120 -15.55 13.07 -5.79
C ALA B 120 -15.99 14.03 -6.90
N LEU B 121 -15.22 15.09 -7.18
CA LEU B 121 -15.66 16.01 -8.24
C LEU B 121 -15.67 15.30 -9.58
N ALA B 122 -14.63 14.49 -9.84
CA ALA B 122 -14.51 13.84 -11.13
C ALA B 122 -15.65 12.84 -11.27
N SER B 123 -15.96 12.16 -10.16
CA SER B 123 -17.01 11.15 -10.18
C SER B 123 -18.36 11.80 -10.46
N ALA B 124 -18.58 12.97 -9.87
CA ALA B 124 -19.83 13.70 -10.08
C ALA B 124 -19.92 14.11 -11.54
N LEU B 125 -18.83 14.60 -12.13
CA LEU B 125 -18.87 15.04 -13.52
C LEU B 125 -19.10 13.86 -14.47
N LEU B 126 -18.44 12.73 -14.20
CA LEU B 126 -18.42 11.68 -15.20
C LEU B 126 -19.41 10.54 -14.92
N GLY B 127 -20.25 10.68 -13.90
CA GLY B 127 -21.31 9.69 -13.66
C GLY B 127 -20.83 8.37 -13.04
N LEU B 128 -19.86 8.45 -12.14
CA LEU B 128 -19.35 7.31 -11.39
C LEU B 128 -19.82 7.46 -9.94
N LYS B 129 -20.18 6.33 -9.33
CA LYS B 129 -20.51 6.27 -7.91
C LYS B 129 -19.22 6.12 -7.10
N CYS B 130 -18.96 7.09 -6.23
CA CYS B 130 -17.65 7.21 -5.60
C CYS B 130 -17.74 6.98 -4.09
N ARG B 131 -16.85 6.12 -3.55
CA ARG B 131 -16.66 5.98 -2.12
C ARG B 131 -15.20 6.23 -1.76
N ILE B 132 -15.01 6.97 -0.65
CA ILE B 132 -13.72 7.51 -0.24
C ILE B 132 -13.40 6.89 1.10
N TYR B 133 -12.20 6.31 1.23
CA TYR B 133 -11.73 5.88 2.54
C TYR B 133 -10.80 6.96 3.08
N MET B 134 -10.98 7.31 4.35
CA MET B 134 -10.20 8.38 4.92
C MET B 134 -9.73 8.02 6.32
N GLY B 135 -10.50 7.19 7.03
CA GLY B 135 -9.95 6.71 8.27
C GLY B 135 -10.16 7.71 9.40
N ALA B 136 -10.58 7.17 10.54
CA ALA B 136 -11.20 7.88 11.64
C ALA B 136 -10.46 9.17 12.00
N LYS B 137 -9.15 9.06 12.21
CA LYS B 137 -8.36 10.20 12.67
C LYS B 137 -8.42 11.31 11.62
N ASP B 138 -8.39 10.92 10.34
CA ASP B 138 -8.40 11.88 9.25
C ASP B 138 -9.80 12.47 9.10
N VAL B 139 -10.84 11.63 9.27
CA VAL B 139 -12.22 12.04 9.11
C VAL B 139 -12.62 12.98 10.25
N GLU B 140 -12.14 12.68 11.47
CA GLU B 140 -12.48 13.44 12.66
C GLU B 140 -12.10 14.90 12.47
N ARG B 141 -10.90 15.12 11.90
CA ARG B 141 -10.55 16.42 11.35
C ARG B 141 -10.85 16.37 9.85
N GLN B 142 -10.53 17.45 9.12
CA GLN B 142 -10.82 17.55 7.71
C GLN B 142 -12.33 17.58 7.43
N SER B 143 -13.11 18.06 8.41
CA SER B 143 -14.55 18.16 8.24
C SER B 143 -14.91 19.02 7.03
N PRO B 144 -14.15 20.10 6.70
CA PRO B 144 -14.36 20.82 5.45
C PRO B 144 -14.29 19.92 4.21
N ASN B 145 -13.16 19.26 4.01
CA ASN B 145 -12.98 18.45 2.81
C ASN B 145 -14.00 17.32 2.78
N VAL B 146 -14.32 16.78 3.96
CA VAL B 146 -15.31 15.71 4.11
C VAL B 146 -16.68 16.20 3.62
N PHE B 147 -17.07 17.40 4.04
CA PHE B 147 -18.37 17.91 3.66
C PHE B 147 -18.43 18.19 2.15
N ARG B 148 -17.34 18.71 1.57
CA ARG B 148 -17.26 18.89 0.12
C ARG B 148 -17.45 17.56 -0.60
N MET B 149 -16.75 16.52 -0.14
CA MET B 149 -16.87 15.21 -0.74
C MET B 149 -18.35 14.78 -0.73
N ARG B 150 -19.00 14.93 0.42
CA ARG B 150 -20.39 14.49 0.53
C ARG B 150 -21.27 15.46 -0.25
N LEU B 151 -20.89 16.76 -0.25
CA LEU B 151 -21.60 17.80 -1.01
C LEU B 151 -21.44 17.59 -2.51
N MET B 152 -20.72 16.55 -2.92
CA MET B 152 -20.56 16.21 -4.32
C MET B 152 -21.06 14.79 -4.60
N GLY B 153 -21.76 14.19 -3.64
CA GLY B 153 -22.42 12.91 -3.85
C GLY B 153 -21.58 11.68 -3.50
N ALA B 154 -20.39 11.90 -2.93
CA ALA B 154 -19.48 10.80 -2.62
C ALA B 154 -19.82 10.22 -1.26
N GLU B 155 -19.56 8.91 -1.10
CA GLU B 155 -19.65 8.22 0.17
C GLU B 155 -18.29 8.32 0.86
N VAL B 156 -18.26 8.89 2.07
CA VAL B 156 -17.01 8.96 2.81
C VAL B 156 -17.08 7.94 3.93
N ILE B 157 -16.12 7.00 3.93
CA ILE B 157 -16.12 5.85 4.84
C ILE B 157 -14.98 6.02 5.83
N PRO B 158 -15.26 6.32 7.12
CA PRO B 158 -14.20 6.39 8.13
C PRO B 158 -13.70 4.99 8.43
N VAL B 159 -12.37 4.83 8.41
CA VAL B 159 -11.70 3.59 8.74
C VAL B 159 -11.21 3.69 10.19
N HIS B 160 -11.55 2.69 11.01
CA HIS B 160 -11.08 2.65 12.38
C HIS B 160 -10.02 1.57 12.58
N SER B 161 -9.66 0.87 11.49
CA SER B 161 -8.69 -0.22 11.52
C SER B 161 -7.28 0.33 11.76
N GLY B 162 -6.53 -0.36 12.61
CA GLY B 162 -5.13 -0.03 12.90
C GLY B 162 -4.98 1.35 13.53
N SER B 163 -4.07 2.15 12.97
CA SER B 163 -3.82 3.50 13.46
C SER B 163 -4.98 4.42 13.09
N ALA B 164 -5.74 4.03 12.06
CA ALA B 164 -6.92 4.76 11.61
C ALA B 164 -6.53 6.02 10.82
N THR B 165 -5.58 5.86 9.88
CA THR B 165 -5.06 6.98 9.09
C THR B 165 -4.81 6.60 7.64
N LEU B 166 -4.02 7.43 6.93
CA LEU B 166 -3.88 7.33 5.49
C LEU B 166 -3.44 5.92 5.08
N LYS B 167 -2.54 5.31 5.85
N LYS B 167 -2.51 5.36 5.84
CA LYS B 167 -2.04 3.97 5.46
CA LYS B 167 -1.99 4.02 5.59
C LYS B 167 -3.17 2.95 5.61
C LYS B 167 -3.15 3.03 5.60
N ASP B 168 -4.00 3.11 6.63
CA ASP B 168 -5.10 2.17 6.82
C ASP B 168 -6.22 2.47 5.82
N ALA B 169 -6.41 3.76 5.53
CA ALA B 169 -7.25 4.18 4.42
C ALA B 169 -6.81 3.47 3.14
N CYS B 170 -5.49 3.52 2.87
CA CYS B 170 -4.86 2.82 1.76
C CYS B 170 -5.16 1.32 1.87
N ASN B 171 -5.05 0.78 3.08
CA ASN B 171 -5.29 -0.64 3.31
C ASN B 171 -6.72 -1.02 2.96
N GLU B 172 -7.68 -0.26 3.49
N GLU B 172 -7.70 -0.26 3.48
CA GLU B 172 -9.09 -0.55 3.36
CA GLU B 172 -9.09 -0.63 3.33
C GLU B 172 -9.52 -0.47 1.90
C GLU B 172 -9.55 -0.46 1.88
N ALA B 173 -8.89 0.45 1.15
CA ALA B 173 -9.15 0.64 -0.26
C ALA B 173 -8.73 -0.61 -1.05
N LEU B 174 -7.53 -1.12 -0.78
CA LEU B 174 -7.07 -2.37 -1.39
C LEU B 174 -7.98 -3.52 -0.98
N ARG B 175 -8.43 -3.53 0.28
CA ARG B 175 -9.31 -4.58 0.78
C ARG B 175 -10.61 -4.61 -0.02
N ASP B 176 -11.22 -3.43 -0.19
CA ASP B 176 -12.47 -3.27 -0.92
C ASP B 176 -12.30 -3.68 -2.38
N TRP B 177 -11.26 -3.14 -3.05
CA TRP B 177 -11.07 -3.36 -4.48
C TRP B 177 -10.95 -4.85 -4.84
N SER B 178 -10.32 -5.65 -3.99
CA SER B 178 -10.09 -7.04 -4.35
C SER B 178 -11.41 -7.77 -4.64
N GLY B 179 -12.47 -7.38 -3.95
CA GLY B 179 -13.76 -8.01 -4.08
C GLY B 179 -14.64 -7.38 -5.15
N SER B 180 -14.33 -6.11 -5.50
CA SER B 180 -15.24 -5.27 -6.25
C SER B 180 -14.69 -4.88 -7.62
N TYR B 181 -13.45 -5.31 -7.94
CA TYR B 181 -12.73 -4.76 -9.08
C TYR B 181 -13.48 -5.02 -10.39
N GLU B 182 -14.40 -5.99 -10.41
N GLU B 182 -14.40 -5.99 -10.40
CA GLU B 182 -15.18 -6.19 -11.61
CA GLU B 182 -15.19 -6.21 -11.60
C GLU B 182 -16.00 -4.93 -11.90
C GLU B 182 -16.05 -4.98 -11.90
N THR B 183 -16.53 -4.30 -10.85
CA THR B 183 -17.41 -3.16 -11.02
C THR B 183 -16.70 -1.84 -10.74
N ALA B 184 -15.75 -1.84 -9.79
CA ALA B 184 -15.15 -0.61 -9.28
C ALA B 184 -13.71 -0.45 -9.73
N HIS B 185 -13.32 0.78 -10.00
CA HIS B 185 -11.91 1.09 -10.18
C HIS B 185 -11.35 1.75 -8.92
N TYR B 186 -10.13 1.32 -8.52
CA TYR B 186 -9.43 1.97 -7.43
C TYR B 186 -8.62 3.18 -7.90
N MET B 187 -9.04 4.40 -7.53
N MET B 187 -9.11 4.37 -7.55
CA MET B 187 -8.39 5.61 -8.00
CA MET B 187 -8.45 5.63 -7.86
C MET B 187 -7.35 6.05 -6.97
C MET B 187 -7.41 5.89 -6.78
N LEU B 188 -6.19 5.40 -7.03
CA LEU B 188 -5.08 5.66 -6.13
C LEU B 188 -4.60 7.10 -6.37
N GLY B 189 -4.26 7.80 -5.29
CA GLY B 189 -4.05 9.22 -5.34
C GLY B 189 -2.61 9.68 -5.47
N THR B 190 -1.65 8.76 -5.57
CA THR B 190 -0.27 9.21 -5.69
C THR B 190 0.52 8.23 -6.58
N ALA B 191 1.80 8.59 -6.85
CA ALA B 191 2.65 7.82 -7.75
C ALA B 191 3.36 6.70 -7.00
N ALA B 192 2.55 5.85 -6.37
CA ALA B 192 3.05 4.81 -5.50
C ALA B 192 2.05 3.65 -5.58
N GLY B 193 2.27 2.64 -4.75
CA GLY B 193 1.40 1.46 -4.84
C GLY B 193 1.93 0.50 -5.89
N PRO B 194 1.16 -0.56 -6.23
CA PRO B 194 1.67 -1.58 -7.15
C PRO B 194 1.55 -1.06 -8.59
N HIS B 195 2.47 -1.55 -9.42
CA HIS B 195 2.33 -1.30 -10.85
C HIS B 195 0.94 -1.74 -11.28
N PRO B 196 0.23 -1.00 -12.15
CA PRO B 196 0.83 0.10 -12.92
C PRO B 196 0.58 1.51 -12.37
N TYR B 197 0.24 1.66 -11.09
CA TYR B 197 -0.11 3.00 -10.64
C TYR B 197 1.05 4.01 -10.71
N PRO B 198 2.29 3.71 -10.28
CA PRO B 198 3.33 4.76 -10.31
C PRO B 198 3.51 5.28 -11.73
N THR B 199 3.33 4.40 -12.72
CA THR B 199 3.51 4.77 -14.11
C THR B 199 2.31 5.61 -14.58
N ILE B 200 1.09 5.14 -14.32
CA ILE B 200 -0.11 5.85 -14.74
C ILE B 200 -0.14 7.27 -14.15
N VAL B 201 0.12 7.37 -12.84
CA VAL B 201 -0.01 8.65 -12.16
C VAL B 201 1.02 9.63 -12.70
N ARG B 202 2.23 9.13 -12.98
CA ARG B 202 3.23 10.02 -13.62
C ARG B 202 2.72 10.49 -14.96
N GLU B 203 2.19 9.56 -15.78
CA GLU B 203 1.85 9.99 -17.14
C GLU B 203 0.65 10.94 -17.13
N PHE B 204 -0.25 10.80 -16.15
CA PHE B 204 -1.42 11.66 -16.08
C PHE B 204 -1.14 12.93 -15.27
N GLN B 205 0.12 13.12 -14.81
CA GLN B 205 0.53 14.38 -14.17
C GLN B 205 1.63 15.07 -14.97
N ARG B 206 2.08 14.49 -16.10
CA ARG B 206 3.33 14.99 -16.69
C ARG B 206 3.10 16.31 -17.43
N MET B 207 1.84 16.70 -17.58
CA MET B 207 1.63 18.01 -18.21
C MET B 207 2.13 19.13 -17.29
N ILE B 208 2.26 18.88 -15.99
CA ILE B 208 2.82 19.92 -15.13
C ILE B 208 4.18 20.35 -15.68
N GLY B 209 5.09 19.38 -15.81
CA GLY B 209 6.43 19.69 -16.24
C GLY B 209 6.47 20.08 -17.71
N GLU B 210 5.62 19.49 -18.57
CA GLU B 210 5.62 19.86 -19.97
C GLU B 210 5.25 21.33 -20.12
N GLU B 211 4.23 21.77 -19.39
CA GLU B 211 3.84 23.17 -19.47
C GLU B 211 4.96 24.03 -18.90
N THR B 212 5.54 23.60 -17.76
CA THR B 212 6.58 24.43 -17.12
C THR B 212 7.74 24.64 -18.08
N LYS B 213 8.15 23.58 -18.78
CA LYS B 213 9.24 23.71 -19.75
C LYS B 213 8.89 24.73 -20.85
N ALA B 214 7.68 24.64 -21.41
CA ALA B 214 7.31 25.54 -22.51
C ALA B 214 7.26 26.98 -21.97
N GLN B 215 6.74 27.12 -20.76
CA GLN B 215 6.56 28.45 -20.17
C GLN B 215 7.90 29.09 -19.83
N ILE B 216 8.84 28.28 -19.28
N ILE B 216 8.86 28.32 -19.26
CA ILE B 216 10.13 28.81 -18.90
CA ILE B 216 10.14 28.91 -18.90
C ILE B 216 10.96 29.09 -20.16
C ILE B 216 10.92 29.28 -20.17
N LEU B 217 10.73 28.34 -21.23
N LEU B 217 10.85 28.42 -21.18
CA LEU B 217 11.43 28.61 -22.48
CA LEU B 217 11.50 28.70 -22.46
C LEU B 217 10.93 29.92 -23.11
C LEU B 217 10.96 30.01 -23.04
N ASP B 218 9.63 30.16 -23.02
CA ASP B 218 9.02 31.36 -23.54
C ASP B 218 9.51 32.60 -22.78
N LYS B 219 9.56 32.51 -21.43
CA LYS B 219 9.82 33.66 -20.59
C LYS B 219 11.31 33.94 -20.39
N GLU B 220 12.16 32.91 -20.41
CA GLU B 220 13.57 33.07 -20.04
C GLU B 220 14.52 32.58 -21.13
N GLY B 221 14.00 31.83 -22.11
CA GLY B 221 14.81 31.41 -23.24
C GLY B 221 15.79 30.29 -22.93
N ARG B 222 15.60 29.60 -21.79
CA ARG B 222 16.45 28.49 -21.40
C ARG B 222 15.68 27.62 -20.41
N LEU B 223 16.24 26.46 -20.07
CA LEU B 223 15.66 25.58 -19.05
C LEU B 223 16.00 26.10 -17.67
N PRO B 224 15.23 25.71 -16.65
CA PRO B 224 15.56 26.09 -15.27
C PRO B 224 16.82 25.38 -14.81
N ASP B 225 17.53 25.99 -13.83
CA ASP B 225 18.61 25.29 -13.18
C ASP B 225 18.09 24.16 -12.29
N ALA B 226 16.91 24.35 -11.67
CA ALA B 226 16.35 23.26 -10.88
C ALA B 226 14.85 23.45 -10.75
N VAL B 227 14.14 22.32 -10.67
CA VAL B 227 12.73 22.32 -10.36
C VAL B 227 12.54 21.57 -9.03
N ILE B 228 11.69 22.13 -8.16
CA ILE B 228 11.64 21.76 -6.77
C ILE B 228 10.19 21.46 -6.40
N ALA B 229 9.95 20.30 -5.79
CA ALA B 229 8.59 19.89 -5.45
C ALA B 229 8.58 19.12 -4.15
N CYS B 230 7.48 19.24 -3.40
CA CYS B 230 7.34 18.43 -2.20
C CYS B 230 6.95 16.99 -2.57
N VAL B 231 7.36 16.07 -1.71
CA VAL B 231 7.19 14.63 -2.00
C VAL B 231 6.44 14.00 -0.82
N GLY B 232 5.16 13.62 -1.07
CA GLY B 232 4.40 12.78 -0.15
C GLY B 232 4.51 11.37 -0.68
N GLY B 233 3.57 10.95 -1.52
CA GLY B 233 3.76 9.73 -2.28
C GLY B 233 4.59 9.96 -3.55
N GLY B 234 4.57 11.18 -4.11
CA GLY B 234 5.43 11.50 -5.24
C GLY B 234 4.76 12.01 -6.51
N SER B 235 3.43 12.23 -6.51
CA SER B 235 2.75 12.54 -7.78
C SER B 235 3.04 13.96 -8.29
N ASN B 236 2.94 14.98 -7.43
CA ASN B 236 3.18 16.30 -8.01
C ASN B 236 4.63 16.41 -8.44
N ALA B 237 5.53 15.83 -7.64
CA ALA B 237 6.94 15.92 -7.97
C ALA B 237 7.29 15.19 -9.25
N ILE B 238 6.76 13.96 -9.41
CA ILE B 238 7.08 13.24 -10.64
C ILE B 238 6.37 13.88 -11.82
N GLY B 239 5.23 14.53 -11.59
CA GLY B 239 4.58 15.24 -12.68
C GLY B 239 5.41 16.45 -13.13
N MET B 240 6.03 17.14 -12.17
CA MET B 240 6.94 18.22 -12.58
C MET B 240 8.25 17.69 -13.19
N PHE B 241 8.81 16.61 -12.60
CA PHE B 241 10.09 16.10 -13.03
C PHE B 241 10.10 15.43 -14.40
N ALA B 242 9.00 14.74 -14.78
CA ALA B 242 9.08 13.73 -15.83
C ALA B 242 9.67 14.29 -17.12
N ASP B 243 9.17 15.46 -17.53
CA ASP B 243 9.58 15.97 -18.82
C ASP B 243 10.99 16.58 -18.80
N PHE B 244 11.59 16.72 -17.61
CA PHE B 244 12.95 17.19 -17.49
C PHE B 244 13.96 16.06 -17.22
N ILE B 245 13.52 14.80 -17.05
CA ILE B 245 14.48 13.76 -16.70
C ILE B 245 15.60 13.69 -17.73
N ASN B 246 15.28 13.76 -19.02
CA ASN B 246 16.35 13.68 -20.02
C ASN B 246 17.11 14.98 -20.23
N ASP B 247 16.71 16.09 -19.57
CA ASP B 247 17.48 17.33 -19.66
C ASP B 247 18.47 17.34 -18.50
N THR B 248 19.67 16.82 -18.76
CA THR B 248 20.54 16.48 -17.64
C THR B 248 21.05 17.70 -16.89
N SER B 249 20.94 18.90 -17.46
CA SER B 249 21.41 20.09 -16.76
C SER B 249 20.40 20.55 -15.72
N VAL B 250 19.16 20.03 -15.79
CA VAL B 250 18.12 20.55 -14.91
C VAL B 250 18.14 19.73 -13.64
N GLY B 251 18.39 20.36 -12.51
CA GLY B 251 18.28 19.68 -11.22
C GLY B 251 16.83 19.32 -10.87
N LEU B 252 16.66 18.15 -10.24
CA LEU B 252 15.36 17.68 -9.82
C LEU B 252 15.46 17.55 -8.32
N ILE B 253 14.76 18.38 -7.58
CA ILE B 253 14.87 18.37 -6.12
C ILE B 253 13.51 18.05 -5.49
N GLY B 254 13.47 16.97 -4.72
CA GLY B 254 12.26 16.57 -4.04
C GLY B 254 12.42 16.88 -2.56
N VAL B 255 11.35 17.39 -1.96
CA VAL B 255 11.42 17.80 -0.56
C VAL B 255 10.46 16.96 0.28
N GLU B 256 11.02 16.11 1.13
CA GLU B 256 10.20 15.34 2.05
C GLU B 256 9.96 16.13 3.32
N PRO B 257 8.89 15.81 4.07
CA PRO B 257 8.64 16.50 5.34
C PRO B 257 9.57 16.07 6.44
N GLY B 258 10.24 17.06 7.05
CA GLY B 258 11.11 16.73 8.16
C GLY B 258 10.40 16.81 9.51
N GLY B 259 9.12 17.23 9.51
CA GLY B 259 8.36 17.22 10.75
C GLY B 259 9.01 18.07 11.86
N HIS B 260 9.13 17.47 13.05
CA HIS B 260 9.76 18.12 14.20
C HIS B 260 11.29 18.09 14.11
N GLY B 261 11.81 17.48 13.04
CA GLY B 261 13.25 17.34 12.86
C GLY B 261 13.60 15.88 12.63
N ILE B 262 14.48 15.62 11.64
CA ILE B 262 14.82 14.22 11.38
C ILE B 262 15.29 13.52 12.66
N GLU B 263 16.10 14.20 13.47
CA GLU B 263 16.70 13.57 14.64
C GLU B 263 15.62 13.14 15.66
N THR B 264 14.40 13.70 15.59
CA THR B 264 13.35 13.39 16.56
C THR B 264 12.68 12.07 16.23
N GLY B 265 12.85 11.61 14.97
CA GLY B 265 12.12 10.49 14.40
C GLY B 265 10.68 10.82 13.99
N GLU B 266 10.24 12.06 14.27
N GLU B 266 10.23 12.06 14.25
CA GLU B 266 8.88 12.47 13.95
CA GLU B 266 8.87 12.45 13.96
C GLU B 266 8.94 13.25 12.65
C GLU B 266 8.88 13.25 12.65
N HIS B 267 8.94 12.51 11.53
CA HIS B 267 9.07 13.10 10.21
C HIS B 267 8.33 12.19 9.26
N GLY B 268 8.44 12.54 7.98
CA GLY B 268 7.88 11.73 6.92
C GLY B 268 8.87 11.65 5.78
N ALA B 269 10.15 11.33 6.10
CA ALA B 269 11.18 11.37 5.05
C ALA B 269 11.81 9.99 4.94
N PRO B 270 11.03 8.98 4.44
CA PRO B 270 11.58 7.64 4.28
C PRO B 270 12.60 7.52 3.17
N LEU B 271 12.50 8.36 2.11
CA LEU B 271 13.46 8.18 1.03
C LEU B 271 14.88 8.32 1.53
N LYS B 272 15.14 9.36 2.35
CA LYS B 272 16.48 9.58 2.85
C LYS B 272 16.70 9.06 4.26
N HIS B 273 15.64 8.81 5.02
CA HIS B 273 15.87 8.41 6.40
C HIS B 273 15.09 7.18 6.80
N GLY B 274 14.60 6.43 5.82
CA GLY B 274 13.96 5.15 6.11
C GLY B 274 14.82 4.00 5.60
N ARG B 275 14.19 2.83 5.38
CA ARG B 275 14.89 1.82 4.61
C ARG B 275 13.90 1.01 3.80
N VAL B 276 14.43 0.40 2.75
N VAL B 276 14.45 0.31 2.83
CA VAL B 276 13.58 -0.29 1.79
CA VAL B 276 13.60 -0.38 1.88
C VAL B 276 12.77 -1.38 2.51
C VAL B 276 12.75 -1.43 2.58
N GLY B 277 11.48 -1.48 2.18
CA GLY B 277 10.58 -2.50 2.68
C GLY B 277 9.56 -2.86 1.61
N ILE B 278 8.63 -3.74 1.95
CA ILE B 278 7.56 -4.10 1.02
C ILE B 278 6.23 -3.88 1.71
N TYR B 279 5.47 -2.93 1.16
CA TYR B 279 4.16 -2.59 1.70
C TYR B 279 3.39 -1.75 0.69
N PHE B 280 2.06 -1.82 0.80
CA PHE B 280 1.15 -1.15 -0.14
C PHE B 280 1.45 -1.53 -1.58
N GLY B 281 1.84 -2.78 -1.82
CA GLY B 281 1.96 -3.29 -3.16
C GLY B 281 3.30 -2.99 -3.82
N MET B 282 4.24 -2.39 -3.07
CA MET B 282 5.50 -1.96 -3.69
C MET B 282 6.70 -2.21 -2.77
N LYS B 283 7.86 -2.36 -3.42
CA LYS B 283 9.14 -2.35 -2.75
C LYS B 283 9.69 -0.93 -2.84
N ALA B 284 9.82 -0.28 -1.69
CA ALA B 284 10.23 1.11 -1.65
C ALA B 284 10.71 1.45 -0.25
N PRO B 285 11.40 2.60 -0.10
CA PRO B 285 11.75 3.10 1.21
C PRO B 285 10.54 3.32 2.07
N MET B 286 10.64 2.87 3.33
CA MET B 286 9.56 2.84 4.32
C MET B 286 10.09 3.43 5.61
N MET B 287 9.18 3.98 6.37
CA MET B 287 9.56 4.22 7.77
C MET B 287 8.97 3.01 8.49
N GLN B 288 9.83 2.35 9.21
CA GLN B 288 9.51 1.07 9.83
C GLN B 288 10.37 0.84 11.06
N THR B 289 9.82 0.06 11.99
CA THR B 289 10.53 -0.33 13.20
C THR B 289 11.64 -1.28 12.78
N ALA B 290 12.59 -1.54 13.69
CA ALA B 290 13.72 -2.40 13.42
C ALA B 290 13.23 -3.79 13.03
N ASP B 291 12.01 -4.14 13.49
CA ASP B 291 11.39 -5.45 13.35
C ASP B 291 10.55 -5.53 12.09
N GLY B 292 10.40 -4.41 11.37
CA GLY B 292 9.71 -4.41 10.10
C GLY B 292 8.22 -4.12 10.20
N GLN B 293 7.76 -3.58 11.34
CA GLN B 293 6.42 -3.03 11.36
C GLN B 293 6.44 -1.66 10.69
N ILE B 294 5.37 -1.30 9.95
CA ILE B 294 5.39 -0.02 9.24
C ILE B 294 5.17 1.05 10.30
N GLU B 295 6.12 2.01 10.37
CA GLU B 295 6.12 3.05 11.39
C GLU B 295 5.10 4.11 11.01
N GLU B 296 4.75 4.90 12.01
CA GLU B 296 3.92 6.05 11.70
C GLU B 296 4.87 7.21 11.38
N SER B 297 4.58 7.91 10.28
CA SER B 297 5.18 9.19 9.90
C SER B 297 4.58 10.38 10.69
N TYR B 298 5.08 11.59 10.38
CA TYR B 298 4.55 12.82 10.98
C TYR B 298 4.90 14.02 10.11
N SER B 299 3.93 14.94 9.91
CA SER B 299 4.21 16.25 9.33
C SER B 299 3.10 17.18 9.76
N ILE B 300 3.41 18.47 9.92
CA ILE B 300 2.38 19.49 10.09
C ILE B 300 1.39 19.44 8.92
N SER B 301 1.86 19.06 7.73
CA SER B 301 1.01 18.96 6.55
C SER B 301 0.47 17.53 6.36
N ALA B 302 -0.86 17.40 6.41
CA ALA B 302 -1.56 16.13 6.30
C ALA B 302 -1.27 15.45 4.96
N GLY B 303 -1.04 16.27 3.92
CA GLY B 303 -0.79 15.71 2.61
C GLY B 303 0.57 15.02 2.46
N LEU B 304 1.53 15.31 3.37
CA LEU B 304 2.85 14.69 3.24
C LEU B 304 3.07 13.59 4.29
N ASP B 305 2.04 13.28 5.04
CA ASP B 305 2.23 12.46 6.24
C ASP B 305 2.02 11.02 5.81
N PHE B 306 3.08 10.45 5.20
CA PHE B 306 2.92 9.10 4.68
C PHE B 306 4.28 8.42 4.82
N PRO B 307 4.35 7.18 5.36
CA PRO B 307 5.66 6.61 5.68
C PRO B 307 6.31 5.87 4.52
N SER B 308 5.86 6.12 3.28
CA SER B 308 6.61 5.60 2.13
C SER B 308 6.74 6.64 1.01
N VAL B 309 7.17 6.22 -0.18
CA VAL B 309 7.40 7.14 -1.30
C VAL B 309 7.35 6.32 -2.59
N GLY B 310 6.95 6.95 -3.69
CA GLY B 310 6.82 6.23 -4.94
C GLY B 310 8.17 5.67 -5.38
N PRO B 311 8.16 4.52 -6.08
CA PRO B 311 9.39 3.83 -6.38
C PRO B 311 10.24 4.57 -7.42
N GLN B 312 9.63 5.41 -8.26
CA GLN B 312 10.45 6.06 -9.28
C GLN B 312 11.32 7.14 -8.60
N HIS B 313 10.83 7.72 -7.51
CA HIS B 313 11.68 8.65 -6.74
C HIS B 313 12.86 7.91 -6.13
N ALA B 314 12.58 6.76 -5.46
CA ALA B 314 13.68 5.97 -4.90
C ALA B 314 14.72 5.66 -5.99
N TYR B 315 14.27 5.34 -7.21
CA TYR B 315 15.17 5.01 -8.30
C TYR B 315 15.98 6.24 -8.72
N LEU B 316 15.27 7.34 -8.96
CA LEU B 316 15.97 8.52 -9.45
C LEU B 316 16.99 9.00 -8.42
N ASN B 317 16.68 8.81 -7.13
CA ASN B 317 17.67 9.12 -6.10
C ASN B 317 18.87 8.18 -6.23
N SER B 318 18.61 6.86 -6.32
CA SER B 318 19.69 5.90 -6.25
C SER B 318 20.73 6.14 -7.35
N ILE B 319 20.30 6.59 -8.53
CA ILE B 319 21.22 6.80 -9.65
C ILE B 319 21.79 8.22 -9.64
N GLY B 320 21.34 9.07 -8.71
CA GLY B 320 21.90 10.42 -8.64
C GLY B 320 21.23 11.40 -9.60
N ARG B 321 20.13 11.00 -10.24
CA ARG B 321 19.45 11.90 -11.16
C ARG B 321 18.69 12.98 -10.41
N ALA B 322 18.04 12.61 -9.30
CA ALA B 322 17.28 13.56 -8.48
C ALA B 322 17.86 13.55 -7.09
N ASP B 323 17.78 14.72 -6.43
CA ASP B 323 18.27 14.85 -5.09
C ASP B 323 17.11 15.13 -4.17
N TYR B 324 17.15 14.56 -2.96
CA TYR B 324 16.04 14.69 -2.05
C TYR B 324 16.55 15.26 -0.73
N VAL B 325 15.73 16.17 -0.18
CA VAL B 325 16.10 16.94 1.00
C VAL B 325 14.88 16.95 1.91
N SER B 326 15.00 17.51 3.10
CA SER B 326 13.84 17.65 3.96
C SER B 326 13.75 19.08 4.50
N ILE B 327 12.52 19.42 4.89
CA ILE B 327 12.18 20.75 5.40
C ILE B 327 11.29 20.52 6.62
N THR B 328 11.57 21.22 7.72
CA THR B 328 10.82 20.96 8.95
C THR B 328 9.51 21.74 8.94
N ASP B 329 8.62 21.42 9.89
CA ASP B 329 7.38 22.14 10.08
C ASP B 329 7.64 23.63 10.20
N ASP B 330 8.62 24.03 11.01
CA ASP B 330 8.88 25.47 11.20
C ASP B 330 9.37 26.14 9.91
N GLU B 331 10.24 25.48 9.15
CA GLU B 331 10.63 26.06 7.87
C GLU B 331 9.45 26.19 6.91
N ALA B 332 8.59 25.15 6.83
CA ALA B 332 7.44 25.23 5.96
C ALA B 332 6.50 26.36 6.39
N LEU B 333 6.29 26.54 7.71
CA LEU B 333 5.41 27.61 8.18
C LEU B 333 5.96 28.99 7.81
N GLU B 334 7.28 29.19 7.92
N GLU B 334 7.27 29.17 7.87
CA GLU B 334 7.87 30.47 7.55
CA GLU B 334 7.87 30.47 7.57
C GLU B 334 7.64 30.75 6.06
C GLU B 334 7.85 30.76 6.06
N ALA B 335 7.86 29.72 5.22
CA ALA B 335 7.70 29.89 3.79
C ALA B 335 6.23 30.24 3.48
N PHE B 336 5.29 29.59 4.19
CA PHE B 336 3.87 29.88 4.01
C PHE B 336 3.60 31.37 4.26
N LYS B 337 4.10 31.87 5.38
CA LYS B 337 3.89 33.26 5.78
C LYS B 337 4.55 34.23 4.80
N THR B 338 5.77 33.90 4.37
CA THR B 338 6.52 34.74 3.45
C THR B 338 5.80 34.87 2.12
N LEU B 339 5.28 33.74 1.57
CA LEU B 339 4.60 33.85 0.28
C LEU B 339 3.30 34.67 0.42
N CYS B 340 2.55 34.48 1.50
CA CYS B 340 1.32 35.23 1.69
C CYS B 340 1.65 36.74 1.67
N ARG B 341 2.70 37.13 2.39
CA ARG B 341 2.95 38.54 2.69
C ARG B 341 3.63 39.24 1.53
N HIS B 342 4.46 38.51 0.77
CA HIS B 342 5.30 39.18 -0.21
C HIS B 342 4.81 38.95 -1.63
N GLU B 343 3.98 37.92 -1.83
CA GLU B 343 3.48 37.64 -3.18
C GLU B 343 1.95 37.58 -3.27
N GLY B 344 1.23 37.59 -2.14
CA GLY B 344 -0.22 37.56 -2.19
C GLY B 344 -0.78 36.21 -2.64
N ILE B 345 -0.03 35.10 -2.36
CA ILE B 345 -0.49 33.76 -2.72
C ILE B 345 -0.45 32.94 -1.44
N ILE B 346 -1.56 32.27 -1.11
CA ILE B 346 -1.62 31.45 0.10
C ILE B 346 -1.34 30.02 -0.34
N PRO B 347 -0.16 29.45 -0.01
CA PRO B 347 0.19 28.14 -0.57
C PRO B 347 -0.30 27.04 0.35
N ALA B 348 -0.55 25.84 -0.20
CA ALA B 348 -0.78 24.70 0.69
C ALA B 348 0.46 24.47 1.57
N LEU B 349 0.26 23.95 2.79
CA LEU B 349 1.41 23.64 3.62
C LEU B 349 2.28 22.57 2.97
N GLU B 350 1.71 21.68 2.15
CA GLU B 350 2.56 20.70 1.46
C GLU B 350 3.54 21.45 0.56
N SER B 351 3.01 22.37 -0.27
CA SER B 351 3.81 23.06 -1.26
C SER B 351 4.81 23.99 -0.57
N SER B 352 4.45 24.42 0.64
CA SER B 352 5.29 25.35 1.40
C SER B 352 6.62 24.67 1.72
N HIS B 353 6.63 23.33 1.81
CA HIS B 353 7.90 22.65 1.99
C HIS B 353 8.80 22.87 0.78
N ALA B 354 8.26 22.78 -0.43
CA ALA B 354 9.06 23.01 -1.62
C ALA B 354 9.58 24.46 -1.63
N LEU B 355 8.66 25.41 -1.40
CA LEU B 355 9.07 26.81 -1.37
C LEU B 355 10.16 27.05 -0.33
N ALA B 356 10.00 26.47 0.87
CA ALA B 356 11.00 26.68 1.92
C ALA B 356 12.38 26.24 1.44
N HIS B 357 12.46 25.14 0.71
CA HIS B 357 13.78 24.70 0.28
C HIS B 357 14.34 25.65 -0.78
N ALA B 358 13.51 26.16 -1.69
CA ALA B 358 13.97 27.15 -2.66
C ALA B 358 14.47 28.39 -1.93
N LEU B 359 13.75 28.79 -0.87
CA LEU B 359 14.19 30.01 -0.16
C LEU B 359 15.54 29.77 0.50
N LYS B 360 15.77 28.55 0.99
N LYS B 360 15.81 28.54 0.99
CA LYS B 360 17.06 28.15 1.54
CA LYS B 360 17.12 28.20 1.53
C LYS B 360 18.15 28.19 0.46
C LYS B 360 18.19 28.21 0.43
N MET B 361 17.88 27.67 -0.74
CA MET B 361 18.86 27.70 -1.83
C MET B 361 19.30 29.15 -2.11
N MET B 362 18.29 30.04 -2.11
CA MET B 362 18.57 31.44 -2.37
C MET B 362 19.34 32.07 -1.19
N ARG B 363 18.82 31.89 0.05
CA ARG B 363 19.37 32.63 1.18
C ARG B 363 20.79 32.18 1.50
N GLU B 364 21.05 30.88 1.31
CA GLU B 364 22.34 30.34 1.71
C GLU B 364 23.45 30.87 0.80
N GLN B 365 23.13 31.16 -0.46
CA GLN B 365 24.10 31.51 -1.50
C GLN B 365 23.46 32.62 -2.36
N PRO B 366 23.31 33.83 -1.78
CA PRO B 366 22.50 34.88 -2.39
C PRO B 366 23.11 35.53 -3.62
N GLU B 367 24.41 35.29 -3.88
N GLU B 367 24.42 35.28 -3.83
CA GLU B 367 24.99 35.78 -5.13
CA GLU B 367 25.07 35.75 -5.05
C GLU B 367 25.13 34.68 -6.16
C GLU B 367 25.30 34.63 -6.04
N LYS B 368 24.65 33.47 -5.84
CA LYS B 368 24.67 32.42 -6.86
C LYS B 368 23.55 32.71 -7.85
N GLU B 369 23.91 32.74 -9.15
CA GLU B 369 22.91 32.92 -10.18
C GLU B 369 22.14 31.62 -10.37
N GLN B 370 20.82 31.67 -10.13
CA GLN B 370 20.08 30.43 -10.31
C GLN B 370 18.62 30.72 -10.73
N LEU B 371 18.12 29.93 -11.68
CA LEU B 371 16.73 30.01 -12.16
C LEU B 371 15.98 28.79 -11.62
N LEU B 372 15.04 29.03 -10.70
CA LEU B 372 14.36 27.95 -9.98
C LEU B 372 12.87 27.97 -10.27
N VAL B 373 12.26 26.79 -10.36
CA VAL B 373 10.81 26.67 -10.41
C VAL B 373 10.39 25.81 -9.21
N VAL B 374 9.45 26.32 -8.43
CA VAL B 374 8.81 25.55 -7.38
C VAL B 374 7.44 25.14 -7.90
N ASN B 375 7.11 23.84 -7.75
CA ASN B 375 5.75 23.40 -8.05
C ASN B 375 4.84 23.76 -6.88
N LEU B 376 3.92 24.72 -7.10
N LEU B 376 3.93 24.72 -7.10
CA LEU B 376 2.99 25.07 -6.04
CA LEU B 376 3.00 25.08 -6.05
C LEU B 376 1.78 24.17 -6.17
C LEU B 376 1.80 24.17 -6.20
N SER B 377 1.90 23.03 -5.52
CA SER B 377 0.99 21.90 -5.80
C SER B 377 -0.44 22.21 -5.36
N GLY B 378 -0.64 23.11 -4.39
CA GLY B 378 -2.01 23.41 -3.97
C GLY B 378 -2.11 24.77 -3.30
N ARG B 379 -3.37 25.23 -3.16
CA ARG B 379 -3.65 26.42 -2.39
C ARG B 379 -3.86 26.06 -0.91
N GLY B 380 -3.68 27.07 -0.04
CA GLY B 380 -3.59 26.80 1.38
C GLY B 380 -4.80 27.25 2.18
N ASP B 381 -5.94 27.43 1.50
CA ASP B 381 -7.21 27.69 2.18
C ASP B 381 -7.50 26.63 3.23
N LYS B 382 -7.25 25.35 2.90
CA LYS B 382 -7.51 24.24 3.81
C LYS B 382 -6.65 24.33 5.07
N ASP B 383 -5.59 25.14 5.04
CA ASP B 383 -4.58 25.13 6.09
C ASP B 383 -4.66 26.38 6.98
N ILE B 384 -5.65 27.24 6.69
CA ILE B 384 -5.70 28.54 7.34
C ILE B 384 -6.02 28.36 8.82
N PHE B 385 -6.90 27.40 9.16
CA PHE B 385 -7.23 27.20 10.56
C PHE B 385 -6.02 26.60 11.27
N THR B 386 -5.34 25.67 10.61
CA THR B 386 -4.16 25.03 11.17
C THR B 386 -3.06 26.04 11.46
N VAL B 387 -2.82 26.97 10.52
CA VAL B 387 -1.73 27.93 10.69
C VAL B 387 -2.14 28.94 11.75
N HIS B 388 -3.43 29.29 11.78
CA HIS B 388 -3.98 30.22 12.76
C HIS B 388 -3.70 29.73 14.18
N ASP B 389 -4.00 28.45 14.43
CA ASP B 389 -3.91 27.88 15.77
C ASP B 389 -2.46 27.77 16.23
N ILE B 390 -1.52 27.72 15.28
CA ILE B 390 -0.11 27.61 15.59
C ILE B 390 0.45 28.98 15.97
N LEU B 391 0.19 29.98 15.12
CA LEU B 391 0.67 31.33 15.37
C LEU B 391 0.02 31.92 16.62
N LYS B 392 -1.20 31.47 16.94
CA LYS B 392 -1.87 31.92 18.14
C LYS B 392 -1.23 31.26 19.36
N ALA B 393 -0.91 29.97 19.25
CA ALA B 393 -0.24 29.23 20.30
C ALA B 393 1.20 29.71 20.49
N ARG B 394 1.87 30.09 19.40
CA ARG B 394 3.27 30.48 19.42
C ARG B 394 3.44 31.92 19.90
N GLY B 395 2.38 32.73 19.77
CA GLY B 395 2.40 34.13 20.17
C GLY B 395 2.13 35.05 18.99
CL CL C . 2.60 -33.82 16.65
CL CL D . -4.56 -14.87 3.20
CS CS E . 4.64 -29.41 -6.72
C1 EDO F . 13.31 -12.80 11.25
O1 EDO F . 12.05 -12.81 11.89
C2 EDO F . 14.14 -14.00 11.56
O2 EDO F . 15.52 -13.82 11.25
C1 EDO G . 6.65 -31.04 4.19
O1 EDO G . 6.29 -32.26 3.54
C2 EDO G . 7.62 -30.16 3.48
O2 EDO G . 8.30 -29.16 4.26
C1 EDO H . 15.52 -23.57 18.65
O1 EDO H . 14.46 -24.18 17.93
C2 EDO H . 15.89 -22.22 18.15
O2 EDO H . 15.10 -21.17 18.67
C1 PEG I . 17.97 -7.04 3.84
O1 PEG I . 18.20 -6.70 5.21
C2 PEG I . 16.52 -6.94 3.42
O2 PEG I . 16.11 -5.57 3.35
C3 PEG I . 15.03 -5.23 4.23
C4 PEG I . 15.34 -3.95 4.94
O4 PEG I . 15.79 -2.92 4.04
S DMS J . -8.98 -38.61 0.87
O DMS J . -7.49 -38.80 0.99
C1 DMS J . -9.43 -39.06 -0.79
C2 DMS J . -9.24 -36.85 0.75
O 0JO K . -4.91 12.57 -0.11
C 0JO K . -4.48 13.69 -0.34
OXT 0JO K . -5.16 14.63 -0.66
CA 0JO K . -3.09 13.87 -0.22
CB 0JO K . -2.22 12.92 0.32
N 0JO K . -2.56 15.04 -0.66
C4A 0JO K . -1.31 15.12 -0.93
C4 0JO K . -0.71 16.36 -1.42
C3 0JO K . -1.50 17.51 -1.60
O3 0JO K . -2.82 17.53 -1.31
C2 0JO K . -0.91 18.68 -2.07
C2A 0JO K . -1.72 19.92 -2.28
N1 0JO K . 0.39 18.71 -2.37
C6 0JO K . 1.15 17.62 -2.20
C5 0JO K . 0.65 16.42 -1.75
C5A 0JO K . 1.56 15.24 -1.58
OP4 0JO K . 1.20 14.18 -2.53
P 0JO K . 2.10 13.86 -3.82
OP3 0JO K . 1.48 12.63 -4.47
OP1 0JO K . 2.01 15.10 -4.71
OP2 0JO K . 3.51 13.61 -3.30
N SER L . -3.65 15.18 11.22
CA SER L . -3.06 15.93 10.08
C SER L . -1.60 15.50 9.88
O SER L . -0.71 16.27 10.30
CB SER L . -3.17 17.42 10.29
OG SER L . -4.52 17.83 10.19
OXT SER L . -1.32 14.44 9.32
BR BR M . 15.60 9.40 11.56
CL CL N . 7.73 20.55 -27.92
CL CL O . 21.72 22.50 -12.28
CL CL P . 23.04 16.97 -8.78
CS CS Q . 16.25 38.53 -8.06
CS CS R . 7.81 10.91 1.47
CS CS R . 6.44 10.96 2.53
C1 EDO S . 21.90 9.92 -14.56
O1 EDO S . 20.62 9.47 -15.01
C2 EDO S . 21.88 11.12 -13.68
O2 EDO S . 22.77 10.99 -12.58
C1 PEG T . 13.76 1.00 -15.17
O1 PEG T . 14.49 0.02 -14.42
C2 PEG T . 14.33 2.42 -15.13
O2 PEG T . 13.33 3.30 -14.64
C3 PEG T . 13.19 4.57 -15.28
C4 PEG T . 12.43 5.57 -14.41
O4 PEG T . 13.15 6.75 -14.03
S DMS U . -8.02 27.89 -21.06
O DMS U . -8.42 26.95 -19.85
C1 DMS U . -9.25 29.18 -21.06
C2 DMS U . -6.62 28.82 -20.45
S DMS V . 24.02 31.61 5.53
O DMS V . 23.50 32.82 4.77
C1 DMS V . 25.17 30.78 4.45
C2 DMS V . 22.74 30.37 5.47
S DMS W . 0.05 9.97 -25.37
O DMS W . 1.44 9.43 -25.12
C1 DMS W . 0.05 10.51 -27.08
C2 DMS W . -0.04 11.56 -24.61
S DMS X . 13.45 -7.24 -10.12
O DMS X . 13.95 -5.83 -9.95
C1 DMS X . 14.85 -8.30 -9.90
C2 DMS X . 13.27 -7.45 -11.88
S DMS Y . -3.88 15.04 -22.14
O DMS Y . -3.72 14.35 -23.48
C1 DMS Y . -3.24 16.71 -22.37
C2 DMS Y . -2.56 14.43 -21.12
S DMS Z . 7.89 -5.39 -20.07
O DMS Z . 7.80 -6.46 -19.03
C1 DMS Z . 9.49 -4.62 -19.87
C2 DMS Z . 8.20 -6.23 -21.62
#